data_8IYO
#
_entry.id   8IYO
#
_cell.length_a   87.797
_cell.length_b   87.797
_cell.length_c   216.360
_cell.angle_alpha   90.000
_cell.angle_beta   90.000
_cell.angle_gamma   120.000
#
_symmetry.space_group_name_H-M   'P 61'
#
loop_
_entity.id
_entity.type
_entity.pdbx_description
1 polymer 'N-acetyltransferase domain-containing protein'
2 non-polymer 'ACETYL COENZYME *A'
3 water water
#
_entity_poly.entity_id   1
_entity_poly.type   'polypeptide(L)'
_entity_poly.pdbx_seq_one_letter_code
;SMVTIKVFSPKYPTELEEFYAERIADNPLGFIQRLDLLPSISGFVQKLREHGGEFFEMREGNKLIGICGLNPINQTEAEL
CKFHINSAYQSQGLGQKLYESVEKYAFIKGYTKISLHVSKSQIKACNLYQKLGFVHIKEEDCVVELGEETLIFPTLFMEK
ILS
;
_entity_poly.pdbx_strand_id   A,B,C,D
#
# COMPACT_ATOMS: atom_id res chain seq x y z
N MET A 2 -6.56 -4.64 9.94
CA MET A 2 -5.47 -4.32 9.01
C MET A 2 -5.91 -3.28 7.96
N VAL A 3 -5.16 -2.19 7.83
CA VAL A 3 -5.56 -1.02 7.07
C VAL A 3 -4.66 -0.86 5.85
N THR A 4 -5.27 -0.67 4.68
CA THR A 4 -4.59 -0.61 3.40
C THR A 4 -4.99 0.64 2.63
N ILE A 5 -4.03 1.26 1.93
CA ILE A 5 -4.25 2.45 1.11
C ILE A 5 -3.82 2.13 -0.31
N LYS A 6 -4.72 2.33 -1.28
CA LYS A 6 -4.36 2.20 -2.69
C LYS A 6 -5.24 3.11 -3.52
N VAL A 7 -5.06 3.04 -4.84
CA VAL A 7 -5.94 3.74 -5.76
C VAL A 7 -7.35 3.15 -5.61
N PHE A 8 -8.34 4.04 -5.59
CA PHE A 8 -9.71 3.60 -5.33
C PHE A 8 -10.23 2.70 -6.46
N SER A 9 -10.93 1.63 -6.06
CA SER A 9 -11.62 0.74 -6.94
C SER A 9 -12.89 0.32 -6.20
N PRO A 10 -14.05 0.38 -6.83
CA PRO A 10 -15.30 0.09 -6.11
C PRO A 10 -15.43 -1.41 -5.86
N LYS A 11 -15.76 -1.75 -4.62
CA LYS A 11 -16.09 -3.14 -4.29
C LYS A 11 -17.42 -3.56 -4.91
N TYR A 12 -18.34 -2.62 -5.08
CA TYR A 12 -19.61 -2.82 -5.76
C TYR A 12 -20.02 -1.48 -6.36
N PRO A 13 -20.94 -1.48 -7.35
CA PRO A 13 -21.15 -0.26 -8.17
C PRO A 13 -21.40 1.03 -7.42
N THR A 14 -22.25 1.05 -6.39
CA THR A 14 -22.63 2.28 -5.72
C THR A 14 -21.89 2.49 -4.40
N GLU A 15 -20.77 1.80 -4.18
CA GLU A 15 -20.06 1.92 -2.91
C GLU A 15 -19.61 3.36 -2.65
N LEU A 16 -19.00 4.01 -3.65
CA LEU A 16 -18.51 5.36 -3.44
C LEU A 16 -19.65 6.33 -3.17
N GLU A 17 -20.75 6.20 -3.92
CA GLU A 17 -21.89 7.09 -3.73
C GLU A 17 -22.42 7.01 -2.31
N GLU A 18 -22.55 5.80 -1.78
CA GLU A 18 -23.10 5.60 -0.44
C GLU A 18 -22.14 6.10 0.63
N PHE A 19 -20.86 5.77 0.50
CA PHE A 19 -19.87 6.25 1.47
C PHE A 19 -19.81 7.77 1.48
N TYR A 20 -19.78 8.38 0.29
CA TYR A 20 -19.69 9.83 0.19
C TYR A 20 -20.91 10.51 0.80
N ALA A 21 -22.10 10.02 0.47
CA ALA A 21 -23.33 10.66 0.97
C ALA A 21 -23.37 10.62 2.49
N GLU A 22 -22.88 9.52 3.09
CA GLU A 22 -22.84 9.42 4.55
C GLU A 22 -21.83 10.39 5.14
N ARG A 23 -20.65 10.52 4.52
CA ARG A 23 -19.67 11.48 5.02
C ARG A 23 -20.20 12.91 4.90
N ILE A 24 -20.88 13.23 3.79
CA ILE A 24 -21.40 14.58 3.59
C ILE A 24 -22.50 14.89 4.62
N ALA A 25 -23.41 13.94 4.84
CA ALA A 25 -24.48 14.16 5.82
C ALA A 25 -23.93 14.28 7.24
N ASP A 26 -22.79 13.66 7.52
CA ASP A 26 -22.16 13.76 8.83
C ASP A 26 -21.46 15.11 9.05
N ASN A 27 -21.44 15.99 8.04
CA ASN A 27 -20.77 17.29 8.14
C ASN A 27 -21.70 18.37 7.58
N PRO A 28 -22.81 18.66 8.28
CA PRO A 28 -23.82 19.57 7.70
C PRO A 28 -23.39 21.02 7.61
N LEU A 29 -22.43 21.46 8.43
CA LEU A 29 -22.02 22.87 8.41
C LEU A 29 -21.01 23.18 7.31
N GLY A 30 -20.35 22.18 6.74
CA GLY A 30 -19.20 22.46 5.90
C GLY A 30 -19.27 22.08 4.43
N PHE A 31 -20.39 21.50 3.98
CA PHE A 31 -20.47 20.97 2.62
C PHE A 31 -21.86 21.18 2.06
N ILE A 32 -21.92 21.30 0.73
CA ILE A 32 -23.19 21.27 0.03
C ILE A 32 -23.89 19.96 0.33
N GLN A 33 -25.15 20.04 0.76
CA GLN A 33 -25.91 18.85 1.14
C GLN A 33 -26.75 18.28 0.00
N ARG A 34 -27.13 19.08 -0.99
CA ARG A 34 -27.97 18.61 -2.09
C ARG A 34 -27.08 17.95 -3.15
N LEU A 35 -26.64 16.72 -2.84
CA LEU A 35 -25.78 15.97 -3.75
C LEU A 35 -26.52 15.56 -5.03
N ASP A 36 -27.85 15.53 -5.01
CA ASP A 36 -28.62 15.24 -6.21
C ASP A 36 -28.53 16.35 -7.25
N LEU A 37 -28.11 17.55 -6.87
CA LEU A 37 -28.03 18.66 -7.80
C LEU A 37 -26.62 18.83 -8.39
N LEU A 38 -25.69 17.95 -8.04
CA LEU A 38 -24.32 17.98 -8.54
C LEU A 38 -24.01 16.68 -9.27
N PRO A 39 -23.01 16.68 -10.16
CA PRO A 39 -22.59 15.42 -10.78
C PRO A 39 -22.13 14.43 -9.71
N SER A 40 -22.31 13.14 -10.00
CA SER A 40 -22.01 12.11 -9.03
C SER A 40 -20.53 12.10 -8.65
N ILE A 41 -20.24 11.63 -7.44
CA ILE A 41 -18.85 11.52 -7.01
C ILE A 41 -18.07 10.60 -7.94
N SER A 42 -18.74 9.63 -8.56
CA SER A 42 -18.06 8.75 -9.50
C SER A 42 -17.67 9.51 -10.77
N GLY A 43 -18.51 10.45 -11.21
CA GLY A 43 -18.11 11.30 -12.32
C GLY A 43 -16.97 12.23 -11.94
N PHE A 44 -16.97 12.73 -10.70
CA PHE A 44 -15.85 13.53 -10.21
C PHE A 44 -14.54 12.76 -10.28
N VAL A 45 -14.55 11.50 -9.84
CA VAL A 45 -13.34 10.68 -9.91
C VAL A 45 -12.88 10.53 -11.37
N GLN A 46 -13.81 10.27 -12.28
CA GLN A 46 -13.45 10.16 -13.69
C GLN A 46 -12.84 11.46 -14.22
N LYS A 47 -13.41 12.60 -13.82
CA LYS A 47 -12.86 13.90 -14.24
C LYS A 47 -11.43 14.07 -13.75
N LEU A 48 -11.18 13.73 -12.49
CA LEU A 48 -9.82 13.77 -11.96
C LEU A 48 -8.86 12.93 -12.78
N ARG A 49 -9.23 11.68 -13.07
CA ARG A 49 -8.32 10.78 -13.78
C ARG A 49 -8.10 11.21 -15.22
N GLU A 50 -9.12 11.76 -15.87
CA GLU A 50 -8.95 12.21 -17.25
C GLU A 50 -8.02 13.42 -17.37
N HIS A 51 -7.82 14.15 -16.27
CA HIS A 51 -6.93 15.30 -16.27
C HIS A 51 -5.62 15.02 -15.53
N GLY A 52 -5.28 13.75 -15.35
CA GLY A 52 -4.03 13.36 -14.74
C GLY A 52 -4.03 13.28 -13.23
N GLY A 53 -5.19 13.41 -12.59
CA GLY A 53 -5.27 13.31 -11.15
C GLY A 53 -5.41 11.86 -10.70
N GLU A 54 -5.64 11.69 -9.40
CA GLU A 54 -5.89 10.35 -8.88
C GLU A 54 -6.81 10.45 -7.68
N PHE A 55 -7.50 9.34 -7.42
CA PHE A 55 -8.40 9.19 -6.28
C PHE A 55 -8.00 7.94 -5.51
N PHE A 56 -7.90 8.06 -4.18
CA PHE A 56 -7.35 7.02 -3.33
C PHE A 56 -8.36 6.56 -2.29
N GLU A 57 -8.19 5.33 -1.84
CA GLU A 57 -9.06 4.70 -0.85
C GLU A 57 -8.24 4.27 0.36
N MET A 58 -8.92 4.14 1.49
CA MET A 58 -8.37 3.49 2.68
C MET A 58 -9.39 2.47 3.15
N ARG A 59 -8.94 1.23 3.36
CA ARG A 59 -9.81 0.13 3.74
C ARG A 59 -9.26 -0.59 4.96
N GLU A 60 -10.16 -0.93 5.89
CA GLU A 60 -9.87 -1.87 6.96
C GLU A 60 -10.49 -3.21 6.54
N GLY A 61 -9.62 -4.15 6.18
CA GLY A 61 -10.08 -5.33 5.46
C GLY A 61 -10.57 -4.92 4.09
N ASN A 62 -11.82 -5.26 3.76
CA ASN A 62 -12.43 -4.81 2.52
C ASN A 62 -13.46 -3.71 2.76
N LYS A 63 -13.42 -3.08 3.93
CA LYS A 63 -14.40 -2.07 4.32
C LYS A 63 -13.83 -0.69 4.06
N LEU A 64 -14.44 0.06 3.15
CA LEU A 64 -14.00 1.41 2.86
C LEU A 64 -14.19 2.28 4.10
N ILE A 65 -13.14 3.00 4.50
CA ILE A 65 -13.22 3.86 5.68
C ILE A 65 -12.60 5.23 5.41
N GLY A 66 -11.98 5.42 4.23
CA GLY A 66 -11.35 6.69 3.93
C GLY A 66 -11.18 6.90 2.44
N ILE A 67 -11.25 8.17 2.03
CA ILE A 67 -11.05 8.58 0.64
C ILE A 67 -10.28 9.90 0.60
N CYS A 68 -9.61 10.13 -0.52
CA CYS A 68 -8.87 11.37 -0.73
C CYS A 68 -8.57 11.55 -2.20
N GLY A 69 -8.75 12.76 -2.71
CA GLY A 69 -8.51 13.05 -4.10
C GLY A 69 -7.37 14.02 -4.36
N LEU A 70 -6.80 13.96 -5.56
CA LEU A 70 -5.71 14.84 -5.97
C LEU A 70 -6.02 15.38 -7.36
N ASN A 71 -6.24 16.69 -7.45
CA ASN A 71 -6.68 17.32 -8.69
C ASN A 71 -5.64 18.32 -9.20
N PRO A 72 -5.07 18.11 -10.38
CA PRO A 72 -4.02 19.01 -10.88
C PRO A 72 -4.56 20.38 -11.25
N ILE A 73 -3.79 21.40 -10.92
CA ILE A 73 -4.06 22.78 -11.32
C ILE A 73 -3.23 23.18 -12.53
N ASN A 74 -1.93 22.90 -12.48
CA ASN A 74 -1.03 23.18 -13.59
C ASN A 74 0.12 22.18 -13.51
N GLN A 75 1.25 22.51 -14.14
CA GLN A 75 2.39 21.59 -14.21
C GLN A 75 3.03 21.33 -12.85
N THR A 76 2.88 22.24 -11.88
CA THR A 76 3.55 22.09 -10.60
C THR A 76 2.62 22.14 -9.39
N GLU A 77 1.34 22.48 -9.56
CA GLU A 77 0.41 22.64 -8.44
C GLU A 77 -0.76 21.68 -8.58
N ALA A 78 -1.09 21.00 -7.50
CA ALA A 78 -2.24 20.11 -7.46
C ALA A 78 -3.07 20.43 -6.22
N GLU A 79 -4.36 20.11 -6.30
CA GLU A 79 -5.31 20.46 -5.26
C GLU A 79 -5.78 19.20 -4.54
N LEU A 80 -5.73 19.22 -3.20
CA LEU A 80 -6.33 18.18 -2.39
C LEU A 80 -7.84 18.38 -2.33
N CYS A 81 -8.59 17.28 -2.37
CA CYS A 81 -10.05 17.38 -2.37
C CYS A 81 -10.63 16.06 -1.88
N LYS A 82 -11.91 16.11 -1.50
CA LYS A 82 -12.67 14.91 -1.11
C LYS A 82 -11.94 14.11 -0.03
N PHE A 83 -11.39 14.80 0.94
CA PHE A 83 -10.61 14.19 2.02
C PHE A 83 -11.56 13.84 3.16
N HIS A 84 -11.82 12.55 3.36
CA HIS A 84 -12.82 12.11 4.33
C HIS A 84 -12.40 10.78 4.96
N ILE A 85 -12.56 10.70 6.28
CA ILE A 85 -12.41 9.46 7.04
C ILE A 85 -13.72 9.22 7.79
N ASN A 86 -14.15 7.96 7.83
CA ASN A 86 -15.38 7.60 8.51
C ASN A 86 -15.33 8.00 9.99
N SER A 87 -16.49 8.41 10.50
CA SER A 87 -16.60 8.98 11.85
C SER A 87 -15.93 8.11 12.90
N ALA A 88 -16.26 6.82 12.92
CA ALA A 88 -15.75 5.92 13.96
C ALA A 88 -14.24 5.72 13.90
N TYR A 89 -13.59 6.05 12.78
CA TYR A 89 -12.16 5.85 12.61
C TYR A 89 -11.37 7.15 12.67
N GLN A 90 -12.03 8.28 12.98
CA GLN A 90 -11.35 9.56 13.06
C GLN A 90 -10.55 9.67 14.36
N SER A 91 -9.56 10.58 14.34
CA SER A 91 -8.78 10.94 15.51
C SER A 91 -7.93 9.79 16.04
N GLN A 92 -7.46 8.91 15.14
CA GLN A 92 -6.52 7.86 15.49
C GLN A 92 -5.20 7.94 14.74
N GLY A 93 -5.04 8.91 13.84
CA GLY A 93 -3.86 9.00 13.00
C GLY A 93 -4.04 8.46 11.59
N LEU A 94 -5.23 7.96 11.25
CA LEU A 94 -5.41 7.37 9.92
C LEU A 94 -5.47 8.45 8.84
N GLY A 95 -6.15 9.57 9.12
CA GLY A 95 -6.25 10.62 8.12
C GLY A 95 -4.90 11.21 7.75
N GLN A 96 -4.06 11.47 8.76
CA GLN A 96 -2.70 11.94 8.49
C GLN A 96 -1.93 10.95 7.62
N LYS A 97 -2.07 9.66 7.89
CA LYS A 97 -1.37 8.66 7.07
C LYS A 97 -1.91 8.66 5.64
N LEU A 98 -3.23 8.78 5.48
CA LEU A 98 -3.80 8.85 4.14
C LEU A 98 -3.31 10.09 3.40
N TYR A 99 -3.29 11.25 4.06
CA TYR A 99 -2.76 12.44 3.42
C TYR A 99 -1.31 12.22 3.01
N GLU A 100 -0.49 11.67 3.92
CA GLU A 100 0.93 11.51 3.61
C GLU A 100 1.15 10.62 2.40
N SER A 101 0.26 9.67 2.15
CA SER A 101 0.35 8.84 0.96
C SER A 101 0.07 9.66 -0.30
N VAL A 102 -0.98 10.49 -0.25
CA VAL A 102 -1.33 11.32 -1.40
C VAL A 102 -0.23 12.34 -1.69
N GLU A 103 0.32 12.95 -0.64
CA GLU A 103 1.40 13.92 -0.84
C GLU A 103 2.62 13.26 -1.50
N LYS A 104 3.02 12.09 -1.00
CA LYS A 104 4.14 11.37 -1.60
C LYS A 104 3.88 11.08 -3.08
N TYR A 105 2.65 10.65 -3.40
CA TYR A 105 2.30 10.39 -4.80
C TYR A 105 2.39 11.67 -5.63
N ALA A 106 1.90 12.80 -5.11
CA ALA A 106 1.99 14.05 -5.85
C ALA A 106 3.44 14.46 -6.05
N PHE A 107 4.27 14.28 -5.02
CA PHE A 107 5.67 14.64 -5.11
C PHE A 107 6.39 13.81 -6.18
N ILE A 108 6.10 12.50 -6.23
CA ILE A 108 6.76 11.65 -7.21
C ILE A 108 6.31 12.00 -8.63
N LYS A 109 5.03 12.39 -8.80
CA LYS A 109 4.55 12.80 -10.12
C LYS A 109 5.19 14.11 -10.58
N GLY A 110 5.70 14.93 -9.66
CA GLY A 110 6.38 16.17 -10.02
C GLY A 110 5.73 17.43 -9.50
N TYR A 111 4.67 17.34 -8.71
CA TYR A 111 4.05 18.54 -8.14
C TYR A 111 4.87 19.06 -6.99
N THR A 112 5.07 20.37 -6.96
CA THR A 112 5.83 21.02 -5.90
C THR A 112 4.97 21.87 -4.98
N LYS A 113 3.66 21.96 -5.25
CA LYS A 113 2.75 22.74 -4.42
C LYS A 113 1.41 22.04 -4.31
N ILE A 114 0.88 21.95 -3.08
CA ILE A 114 -0.45 21.43 -2.81
C ILE A 114 -1.31 22.56 -2.25
N SER A 115 -2.46 22.78 -2.85
CA SER A 115 -3.38 23.80 -2.38
C SER A 115 -4.71 23.15 -2.03
N LEU A 116 -5.52 23.87 -1.26
CA LEU A 116 -6.82 23.37 -0.85
C LEU A 116 -7.65 24.50 -0.29
N HIS A 117 -8.94 24.23 -0.12
CA HIS A 117 -9.81 25.10 0.64
C HIS A 117 -10.73 24.25 1.49
N VAL A 118 -11.16 24.79 2.62
CA VAL A 118 -11.94 24.05 3.60
C VAL A 118 -12.80 25.03 4.38
N SER A 119 -14.02 24.61 4.72
CA SER A 119 -14.88 25.43 5.55
C SER A 119 -14.31 25.55 6.96
N LYS A 120 -14.44 26.74 7.53
CA LYS A 120 -13.95 26.99 8.89
C LYS A 120 -14.62 26.10 9.92
N SER A 121 -15.82 25.60 9.64
CA SER A 121 -16.50 24.68 10.55
C SER A 121 -15.74 23.35 10.71
N GLN A 122 -14.86 23.00 9.78
CA GLN A 122 -14.16 21.70 9.82
C GLN A 122 -12.92 21.83 10.68
N ILE A 123 -13.12 21.74 11.99
CA ILE A 123 -12.05 22.02 12.95
C ILE A 123 -10.92 20.99 12.83
N LYS A 124 -11.27 19.70 12.79
CA LYS A 124 -10.25 18.66 12.71
C LYS A 124 -9.35 18.84 11.50
N ALA A 125 -9.94 19.11 10.33
CA ALA A 125 -9.15 19.28 9.12
C ALA A 125 -8.23 20.49 9.20
N CYS A 126 -8.73 21.61 9.76
CA CYS A 126 -7.90 22.81 9.87
C CYS A 126 -6.71 22.57 10.80
N ASN A 127 -6.94 21.84 11.91
CA ASN A 127 -5.83 21.47 12.78
C ASN A 127 -4.82 20.56 12.08
N LEU A 128 -5.30 19.60 11.29
CA LEU A 128 -4.39 18.68 10.60
C LEU A 128 -3.54 19.42 9.59
N TYR A 129 -4.17 20.29 8.78
CA TYR A 129 -3.42 21.01 7.76
C TYR A 129 -2.36 21.91 8.38
N GLN A 130 -2.67 22.50 9.53
CA GLN A 130 -1.65 23.27 10.24
C GLN A 130 -0.52 22.35 10.72
N LYS A 131 -0.87 21.17 11.24
CA LYS A 131 0.16 20.24 11.68
C LYS A 131 1.03 19.78 10.53
N LEU A 132 0.46 19.63 9.34
CA LEU A 132 1.20 19.21 8.15
C LEU A 132 2.05 20.31 7.55
N GLY A 133 1.91 21.57 7.98
CA GLY A 133 2.70 22.65 7.46
C GLY A 133 2.07 23.48 6.35
N PHE A 134 0.76 23.36 6.14
CA PHE A 134 0.06 24.25 5.22
C PHE A 134 0.06 25.67 5.76
N VAL A 135 0.02 26.64 4.84
CA VAL A 135 0.07 28.06 5.17
C VAL A 135 -1.19 28.72 4.63
N HIS A 136 -1.79 29.60 5.44
CA HIS A 136 -3.02 30.28 5.01
C HIS A 136 -2.72 31.28 3.89
N ILE A 137 -3.59 31.31 2.89
CA ILE A 137 -3.57 32.33 1.86
C ILE A 137 -4.61 33.41 2.11
N LYS A 138 -5.86 33.01 2.30
CA LYS A 138 -6.93 33.96 2.52
C LYS A 138 -8.12 33.26 3.14
N GLU A 139 -8.97 34.05 3.77
CA GLU A 139 -10.29 33.64 4.22
C GLU A 139 -11.34 34.32 3.33
N GLU A 140 -12.48 33.67 3.18
CA GLU A 140 -13.50 34.20 2.28
C GLU A 140 -14.84 33.57 2.59
N ASP A 141 -15.90 34.37 2.42
CA ASP A 141 -17.27 33.85 2.47
C ASP A 141 -17.66 33.48 1.05
N CYS A 142 -17.54 32.20 0.72
CA CYS A 142 -17.81 31.74 -0.63
C CYS A 142 -19.32 31.58 -0.84
N VAL A 143 -19.84 32.27 -1.84
CA VAL A 143 -21.25 32.23 -2.19
C VAL A 143 -21.45 31.20 -3.29
N VAL A 144 -22.41 30.29 -3.09
CA VAL A 144 -22.73 29.24 -4.04
C VAL A 144 -24.24 29.24 -4.26
N GLU A 145 -24.68 29.48 -5.49
CA GLU A 145 -26.10 29.36 -5.83
C GLU A 145 -26.35 27.95 -6.35
N LEU A 146 -27.28 27.25 -5.72
CA LEU A 146 -27.57 25.86 -6.06
C LEU A 146 -29.08 25.68 -6.08
N GLY A 147 -29.65 25.63 -7.28
CA GLY A 147 -31.09 25.49 -7.40
C GLY A 147 -31.77 26.76 -6.95
N GLU A 148 -32.77 26.61 -6.07
CA GLU A 148 -33.51 27.74 -5.53
C GLU A 148 -32.92 28.25 -4.22
N GLU A 149 -31.66 27.93 -3.93
CA GLU A 149 -31.00 28.36 -2.70
C GLU A 149 -29.71 29.10 -3.03
N THR A 150 -29.28 29.94 -2.09
CA THR A 150 -27.98 30.60 -2.15
C THR A 150 -27.26 30.33 -0.84
N LEU A 151 -26.16 29.60 -0.90
CA LEU A 151 -25.43 29.12 0.27
C LEU A 151 -24.18 29.96 0.49
N ILE A 152 -23.81 30.14 1.76
CA ILE A 152 -22.64 30.93 2.13
C ILE A 152 -21.75 30.10 3.03
N PHE A 153 -20.53 29.85 2.59
CA PHE A 153 -19.55 29.05 3.33
C PHE A 153 -18.35 29.90 3.73
N PRO A 154 -18.13 30.20 5.01
CA PRO A 154 -16.85 30.77 5.45
C PRO A 154 -15.73 29.76 5.24
N THR A 155 -14.73 30.14 4.43
CA THR A 155 -13.77 29.21 3.86
C THR A 155 -12.34 29.69 4.10
N LEU A 156 -11.41 28.73 4.26
CA LEU A 156 -9.98 29.00 4.34
C LEU A 156 -9.27 28.42 3.12
N PHE A 157 -8.28 29.13 2.60
CA PHE A 157 -7.47 28.65 1.49
C PHE A 157 -6.03 28.44 1.95
N MET A 158 -5.44 27.29 1.61
CA MET A 158 -4.11 26.99 2.10
C MET A 158 -3.24 26.39 0.99
N GLU A 159 -1.94 26.59 1.14
CA GLU A 159 -0.91 26.03 0.27
C GLU A 159 0.16 25.36 1.11
N LYS A 160 0.81 24.37 0.51
CA LYS A 160 2.03 23.80 1.06
C LYS A 160 3.01 23.59 -0.08
N ILE A 161 4.23 24.08 0.11
CA ILE A 161 5.32 23.85 -0.84
C ILE A 161 6.01 22.55 -0.45
N LEU A 162 6.22 21.67 -1.44
CA LEU A 162 6.89 20.40 -1.22
C LEU A 162 8.38 20.45 -1.56
N SER A 163 8.74 21.16 -2.62
CA SER A 163 10.14 21.26 -3.05
C SER A 163 10.43 22.66 -3.59
N SER B 1 9.34 -38.06 20.32
CA SER B 1 9.32 -36.85 19.52
C SER B 1 10.63 -36.07 19.69
N MET B 2 11.73 -36.66 19.25
CA MET B 2 13.01 -35.98 19.34
C MET B 2 13.04 -34.75 18.42
N VAL B 3 13.48 -33.63 18.96
CA VAL B 3 13.53 -32.37 18.23
C VAL B 3 14.98 -31.86 18.25
N THR B 4 15.45 -31.37 17.10
CA THR B 4 16.85 -30.96 16.92
C THR B 4 16.92 -29.51 16.47
N ILE B 5 17.78 -28.73 17.12
CA ILE B 5 18.00 -27.32 16.80
C ILE B 5 19.44 -27.16 16.33
N LYS B 6 19.62 -26.61 15.13
CA LYS B 6 20.94 -26.41 14.54
C LYS B 6 20.86 -25.25 13.56
N VAL B 7 21.99 -24.90 12.95
CA VAL B 7 22.01 -23.93 11.88
C VAL B 7 21.24 -24.47 10.68
N PHE B 8 20.43 -23.62 10.06
CA PHE B 8 19.56 -24.06 8.98
C PHE B 8 20.37 -24.56 7.79
N SER B 9 19.92 -25.68 7.22
CA SER B 9 20.48 -26.27 6.02
C SER B 9 19.29 -26.86 5.29
N PRO B 10 19.09 -26.52 4.01
CA PRO B 10 17.88 -26.95 3.32
C PRO B 10 17.93 -28.43 2.97
N LYS B 11 16.84 -29.14 3.30
CA LYS B 11 16.74 -30.55 2.94
C LYS B 11 16.55 -30.72 1.43
N TYR B 12 15.83 -29.80 0.80
CA TYR B 12 15.68 -29.77 -0.64
C TYR B 12 15.51 -28.32 -1.06
N PRO B 13 15.74 -27.97 -2.34
CA PRO B 13 15.89 -26.55 -2.71
C PRO B 13 14.77 -25.63 -2.25
N THR B 14 13.51 -26.02 -2.40
CA THR B 14 12.38 -25.14 -2.14
C THR B 14 11.80 -25.29 -0.75
N GLU B 15 12.51 -25.95 0.17
CA GLU B 15 11.93 -26.25 1.48
C GLU B 15 11.66 -24.97 2.27
N LEU B 16 12.65 -24.09 2.38
CA LEU B 16 12.48 -22.89 3.18
C LEU B 16 11.39 -21.98 2.61
N GLU B 17 11.31 -21.86 1.28
CA GLU B 17 10.30 -21.00 0.68
C GLU B 17 8.89 -21.55 0.93
N GLU B 18 8.71 -22.86 0.83
CA GLU B 18 7.41 -23.46 1.10
C GLU B 18 7.04 -23.34 2.57
N PHE B 19 8.00 -23.60 3.47
CA PHE B 19 7.73 -23.47 4.89
C PHE B 19 7.41 -22.02 5.24
N TYR B 20 8.15 -21.07 4.66
CA TYR B 20 7.92 -19.66 4.98
C TYR B 20 6.56 -19.20 4.49
N ALA B 21 6.19 -19.56 3.26
CA ALA B 21 4.90 -19.14 2.70
C ALA B 21 3.74 -19.66 3.55
N GLU B 22 3.84 -20.89 4.04
CA GLU B 22 2.77 -21.43 4.88
C GLU B 22 2.66 -20.67 6.19
N ARG B 23 3.79 -20.24 6.76
CA ARG B 23 3.74 -19.54 8.03
C ARG B 23 3.23 -18.11 7.86
N ILE B 24 3.59 -17.46 6.74
CA ILE B 24 3.15 -16.09 6.49
C ILE B 24 1.65 -16.06 6.21
N ALA B 25 1.16 -16.99 5.40
CA ALA B 25 -0.28 -17.09 5.16
C ALA B 25 -1.05 -17.48 6.42
N ASP B 26 -0.39 -18.07 7.41
CA ASP B 26 -1.08 -18.54 8.61
C ASP B 26 -1.44 -17.42 9.59
N ASN B 27 -0.75 -16.29 9.51
CA ASN B 27 -1.02 -15.10 10.32
C ASN B 27 -1.12 -13.91 9.37
N PRO B 28 -2.30 -13.64 8.83
CA PRO B 28 -2.39 -12.65 7.75
C PRO B 28 -2.41 -11.21 8.22
N LEU B 29 -2.76 -10.95 9.49
CA LEU B 29 -2.89 -9.58 9.96
C LEU B 29 -1.57 -8.95 10.38
N GLY B 30 -0.50 -9.75 10.52
CA GLY B 30 0.73 -9.22 11.09
C GLY B 30 1.96 -9.34 10.22
N PHE B 31 1.78 -9.70 8.94
CA PHE B 31 2.92 -9.82 8.04
C PHE B 31 2.48 -9.46 6.63
N ILE B 32 3.42 -8.94 5.85
CA ILE B 32 3.20 -8.74 4.42
C ILE B 32 2.83 -10.07 3.78
N GLN B 33 1.75 -10.06 2.99
CA GLN B 33 1.27 -11.28 2.37
C GLN B 33 1.75 -11.47 0.94
N ARG B 34 2.15 -10.40 0.25
CA ARG B 34 2.61 -10.48 -1.14
C ARG B 34 4.09 -10.84 -1.16
N LEU B 35 4.36 -12.12 -0.90
CA LEU B 35 5.75 -12.59 -0.87
C LEU B 35 6.42 -12.56 -2.25
N ASP B 36 5.62 -12.57 -3.33
CA ASP B 36 6.17 -12.46 -4.67
C ASP B 36 6.79 -11.10 -4.94
N LEU B 37 6.48 -10.08 -4.15
CA LEU B 37 6.99 -8.73 -4.33
C LEU B 37 8.18 -8.43 -3.42
N LEU B 38 8.66 -9.40 -2.67
CA LEU B 38 9.80 -9.26 -1.77
C LEU B 38 10.92 -10.20 -2.20
N PRO B 39 12.16 -9.93 -1.78
CA PRO B 39 13.22 -10.92 -1.98
C PRO B 39 12.84 -12.25 -1.34
N SER B 40 13.25 -13.34 -1.98
CA SER B 40 12.93 -14.66 -1.47
C SER B 40 13.54 -14.87 -0.10
N ILE B 41 12.92 -15.75 0.69
CA ILE B 41 13.41 -15.99 2.04
C ILE B 41 14.82 -16.58 1.99
N SER B 42 15.12 -17.37 0.96
CA SER B 42 16.45 -17.95 0.83
C SER B 42 17.49 -16.86 0.57
N GLY B 43 17.16 -15.88 -0.27
CA GLY B 43 18.06 -14.76 -0.46
C GLY B 43 18.26 -13.94 0.79
N PHE B 44 17.16 -13.71 1.54
CA PHE B 44 17.28 -13.03 2.83
C PHE B 44 18.29 -13.73 3.74
N VAL B 45 18.21 -15.06 3.82
CA VAL B 45 19.13 -15.82 4.67
C VAL B 45 20.56 -15.65 4.18
N GLN B 46 20.77 -15.68 2.85
CA GLN B 46 22.12 -15.56 2.30
C GLN B 46 22.72 -14.20 2.63
N LYS B 47 21.95 -13.12 2.43
CA LYS B 47 22.44 -11.79 2.81
C LYS B 47 22.57 -11.65 4.33
N LEU B 48 21.69 -12.31 5.08
CA LEU B 48 21.80 -12.30 6.53
C LEU B 48 23.13 -12.91 7.00
N ARG B 49 23.57 -13.98 6.35
CA ARG B 49 24.82 -14.63 6.76
C ARG B 49 26.04 -13.87 6.25
N GLU B 50 25.93 -13.20 5.10
CA GLU B 50 27.02 -12.34 4.64
C GLU B 50 27.19 -11.12 5.54
N HIS B 51 26.09 -10.64 6.12
CA HIS B 51 26.12 -9.54 7.09
C HIS B 51 26.67 -9.98 8.45
N GLY B 52 27.02 -11.25 8.61
CA GLY B 52 27.54 -11.74 9.87
C GLY B 52 26.54 -12.38 10.80
N GLY B 53 25.29 -12.55 10.36
CA GLY B 53 24.25 -13.13 11.18
C GLY B 53 24.14 -14.64 10.99
N GLU B 54 23.12 -15.21 11.61
CA GLU B 54 22.86 -16.64 11.51
C GLU B 54 21.38 -16.91 11.51
N PHE B 55 21.01 -18.03 10.88
CA PHE B 55 19.62 -18.46 10.74
C PHE B 55 19.52 -19.91 11.22
N PHE B 56 18.59 -20.17 12.14
CA PHE B 56 18.50 -21.46 12.80
C PHE B 56 17.20 -22.18 12.45
N GLU B 57 17.25 -23.51 12.53
CA GLU B 57 16.13 -24.38 12.21
C GLU B 57 15.80 -25.26 13.41
N MET B 58 14.56 -25.73 13.44
CA MET B 58 14.16 -26.74 14.39
C MET B 58 13.40 -27.82 13.63
N ARG B 59 13.80 -29.07 13.82
CA ARG B 59 13.24 -30.21 13.11
C ARG B 59 12.76 -31.27 14.11
N GLU B 60 11.59 -31.84 13.84
CA GLU B 60 11.16 -33.07 14.48
C GLU B 60 11.47 -34.21 13.52
N GLY B 61 12.46 -35.03 13.87
CA GLY B 61 13.02 -35.93 12.89
C GLY B 61 13.75 -35.09 11.85
N ASN B 62 13.31 -35.17 10.59
CA ASN B 62 13.86 -34.35 9.52
C ASN B 62 12.85 -33.37 8.95
N LYS B 63 11.68 -33.24 9.57
CA LYS B 63 10.64 -32.33 9.11
C LYS B 63 10.87 -30.94 9.73
N LEU B 64 11.00 -29.92 8.88
CA LEU B 64 11.17 -28.57 9.39
C LEU B 64 9.89 -28.09 10.07
N ILE B 65 10.02 -27.64 11.32
CA ILE B 65 8.85 -27.17 12.07
C ILE B 65 9.08 -25.80 12.69
N GLY B 66 10.31 -25.28 12.64
CA GLY B 66 10.60 -24.00 13.27
C GLY B 66 11.82 -23.32 12.69
N ILE B 67 11.80 -21.97 12.70
CA ILE B 67 12.90 -21.16 12.20
C ILE B 67 13.05 -19.91 13.06
N CYS B 68 14.26 -19.36 13.07
CA CYS B 68 14.56 -18.14 13.82
C CYS B 68 15.87 -17.56 13.36
N GLY B 69 15.91 -16.24 13.24
CA GLY B 69 17.11 -15.56 12.74
C GLY B 69 17.73 -14.58 13.72
N LEU B 70 18.98 -14.21 13.47
CA LEU B 70 19.69 -13.25 14.30
C LEU B 70 20.47 -12.31 13.39
N ASN B 71 20.02 -11.06 13.28
CA ASN B 71 20.61 -10.09 12.38
C ASN B 71 21.42 -9.06 13.15
N PRO B 72 22.72 -8.95 12.90
CA PRO B 72 23.52 -7.97 13.64
C PRO B 72 23.20 -6.54 13.25
N ILE B 73 23.29 -5.64 14.22
CA ILE B 73 23.11 -4.21 14.02
C ILE B 73 24.43 -3.46 14.18
N ASN B 74 25.14 -3.71 15.28
CA ASN B 74 26.47 -3.15 15.50
C ASN B 74 27.32 -4.24 16.16
N GLN B 75 28.39 -3.82 16.83
CA GLN B 75 29.29 -4.78 17.45
C GLN B 75 28.67 -5.45 18.68
N THR B 76 27.65 -4.85 19.29
CA THR B 76 27.11 -5.36 20.55
C THR B 76 25.60 -5.58 20.54
N GLU B 77 24.91 -5.31 19.44
CA GLU B 77 23.46 -5.42 19.40
C GLU B 77 23.03 -6.19 18.16
N ALA B 78 22.06 -7.09 18.34
CA ALA B 78 21.57 -7.95 17.27
C ALA B 78 20.04 -7.95 17.29
N GLU B 79 19.44 -8.23 16.14
CA GLU B 79 18.00 -8.20 15.97
C GLU B 79 17.45 -9.61 15.77
N LEU B 80 16.34 -9.90 16.44
CA LEU B 80 15.63 -11.16 16.26
C LEU B 80 14.64 -11.01 15.10
N CYS B 81 14.52 -12.06 14.29
CA CYS B 81 13.69 -11.96 13.10
C CYS B 81 13.33 -13.36 12.62
N LYS B 82 12.29 -13.43 11.79
CA LYS B 82 11.86 -14.66 11.12
C LYS B 82 11.59 -15.78 12.14
N PHE B 83 10.95 -15.43 13.26
CA PHE B 83 10.72 -16.36 14.35
C PHE B 83 9.35 -17.02 14.16
N HIS B 84 9.35 -18.28 13.75
CA HIS B 84 8.12 -18.98 13.41
C HIS B 84 8.18 -20.43 13.87
N ILE B 85 7.07 -20.91 14.42
CA ILE B 85 6.86 -22.33 14.72
C ILE B 85 5.60 -22.76 13.98
N ASN B 86 5.64 -23.94 13.36
CA ASN B 86 4.46 -24.49 12.70
C ASN B 86 3.27 -24.52 13.67
N SER B 87 2.08 -24.26 13.12
CA SER B 87 0.92 -24.01 13.98
C SER B 87 0.57 -25.23 14.83
N ALA B 88 0.72 -26.44 14.27
CA ALA B 88 0.38 -27.64 15.01
C ALA B 88 1.34 -27.92 16.17
N TYR B 89 2.51 -27.28 16.17
CA TYR B 89 3.51 -27.49 17.21
C TYR B 89 3.61 -26.32 18.19
N GLN B 90 2.76 -25.31 18.05
CA GLN B 90 2.84 -24.16 18.93
C GLN B 90 2.29 -24.48 20.32
N SER B 91 2.55 -23.58 21.26
CA SER B 91 1.98 -23.64 22.61
C SER B 91 2.37 -24.93 23.34
N GLN B 92 3.54 -25.49 23.01
CA GLN B 92 4.06 -26.67 23.69
C GLN B 92 5.47 -26.45 24.25
N GLY B 93 5.97 -25.22 24.23
CA GLY B 93 7.27 -24.91 24.76
C GLY B 93 8.40 -24.89 23.75
N LEU B 94 8.16 -25.36 22.53
CA LEU B 94 9.24 -25.44 21.55
C LEU B 94 9.74 -24.06 21.14
N GLY B 95 8.83 -23.10 20.96
CA GLY B 95 9.24 -21.76 20.59
C GLY B 95 10.20 -21.15 21.60
N GLN B 96 9.92 -21.34 22.89
CA GLN B 96 10.81 -20.81 23.94
C GLN B 96 12.19 -21.46 23.85
N LYS B 97 12.23 -22.80 23.71
CA LYS B 97 13.53 -23.46 23.60
C LYS B 97 14.30 -22.96 22.37
N LEU B 98 13.61 -22.76 21.25
CA LEU B 98 14.28 -22.26 20.06
C LEU B 98 14.93 -20.91 20.32
N TYR B 99 14.19 -19.99 20.96
CA TYR B 99 14.75 -18.67 21.23
C TYR B 99 15.94 -18.77 22.20
N GLU B 100 15.78 -19.53 23.28
CA GLU B 100 16.84 -19.65 24.26
C GLU B 100 18.13 -20.16 23.63
N SER B 101 18.02 -21.08 22.66
CA SER B 101 19.19 -21.49 21.90
C SER B 101 19.79 -20.31 21.14
N VAL B 102 18.94 -19.52 20.48
CA VAL B 102 19.43 -18.35 19.76
C VAL B 102 20.06 -17.34 20.72
N GLU B 103 19.39 -17.09 21.86
CA GLU B 103 19.92 -16.15 22.84
C GLU B 103 21.28 -16.59 23.35
N LYS B 104 21.44 -17.89 23.66
CA LYS B 104 22.74 -18.37 24.10
C LYS B 104 23.81 -18.13 23.04
N TYR B 105 23.49 -18.43 21.78
CA TYR B 105 24.43 -18.15 20.69
C TYR B 105 24.80 -16.68 20.63
N ALA B 106 23.84 -15.80 20.86
CA ALA B 106 24.10 -14.36 20.80
C ALA B 106 25.08 -13.93 21.89
N PHE B 107 24.87 -14.40 23.12
CA PHE B 107 25.81 -14.09 24.20
C PHE B 107 27.21 -14.53 23.84
N ILE B 108 27.38 -15.81 23.53
CA ILE B 108 28.71 -16.36 23.24
C ILE B 108 29.38 -15.58 22.10
N LYS B 109 28.59 -15.11 21.14
CA LYS B 109 29.14 -14.34 20.02
C LYS B 109 29.52 -12.91 20.42
N GLY B 110 29.21 -12.49 21.64
CA GLY B 110 29.62 -11.18 22.14
C GLY B 110 28.53 -10.14 22.21
N TYR B 111 27.33 -10.45 21.72
CA TYR B 111 26.23 -9.49 21.76
C TYR B 111 25.69 -9.36 23.18
N THR B 112 25.40 -8.13 23.59
CA THR B 112 24.82 -7.86 24.90
C THR B 112 23.40 -7.33 24.81
N LYS B 113 22.89 -7.05 23.62
CA LYS B 113 21.54 -6.53 23.45
C LYS B 113 20.87 -7.21 22.27
N ILE B 114 19.63 -7.64 22.46
CA ILE B 114 18.80 -8.19 21.39
C ILE B 114 17.55 -7.31 21.29
N SER B 115 17.27 -6.83 20.08
CA SER B 115 16.12 -5.99 19.82
C SER B 115 15.22 -6.65 18.78
N LEU B 116 13.95 -6.25 18.77
CA LEU B 116 12.99 -6.81 17.84
C LEU B 116 11.83 -5.84 17.68
N HIS B 117 11.01 -6.11 16.67
CA HIS B 117 9.71 -5.47 16.51
C HIS B 117 8.73 -6.52 16.03
N VAL B 118 7.48 -6.41 16.47
CA VAL B 118 6.47 -7.43 16.21
C VAL B 118 5.10 -6.76 16.17
N SER B 119 4.25 -7.23 15.25
CA SER B 119 2.91 -6.66 15.13
C SER B 119 2.10 -6.93 16.38
N LYS B 120 1.29 -5.94 16.78
CA LYS B 120 0.41 -6.10 17.92
C LYS B 120 -0.62 -7.22 17.72
N SER B 121 -0.80 -7.70 16.49
CA SER B 121 -1.74 -8.77 16.24
C SER B 121 -1.22 -10.13 16.72
N GLN B 122 0.09 -10.25 16.95
CA GLN B 122 0.72 -11.53 17.28
C GLN B 122 0.67 -11.75 18.79
N ILE B 123 -0.44 -12.35 19.26
CA ILE B 123 -0.68 -12.43 20.70
C ILE B 123 0.35 -13.31 21.39
N LYS B 124 0.59 -14.51 20.84
CA LYS B 124 1.51 -15.44 21.49
C LYS B 124 2.93 -14.90 21.53
N ALA B 125 3.39 -14.30 20.44
CA ALA B 125 4.75 -13.77 20.38
C ALA B 125 4.99 -12.70 21.44
N CYS B 126 4.06 -11.74 21.54
CA CYS B 126 4.21 -10.66 22.52
C CYS B 126 4.20 -11.20 23.95
N ASN B 127 3.41 -12.24 24.21
CA ASN B 127 3.40 -12.84 25.54
C ASN B 127 4.74 -13.49 25.85
N LEU B 128 5.39 -14.09 24.85
CA LEU B 128 6.66 -14.77 25.08
C LEU B 128 7.79 -13.77 25.34
N TYR B 129 7.86 -12.70 24.55
CA TYR B 129 8.96 -11.75 24.72
C TYR B 129 8.90 -11.06 26.08
N GLN B 130 7.69 -10.78 26.58
CA GLN B 130 7.58 -10.22 27.93
C GLN B 130 8.05 -11.21 28.97
N LYS B 131 7.87 -12.51 28.71
CA LYS B 131 8.29 -13.54 29.65
C LYS B 131 9.81 -13.77 29.59
N LEU B 132 10.39 -13.68 28.40
CA LEU B 132 11.84 -13.87 28.26
C LEU B 132 12.65 -12.64 28.66
N GLY B 133 12.01 -11.57 29.11
CA GLY B 133 12.71 -10.42 29.65
C GLY B 133 12.79 -9.19 28.78
N PHE B 134 12.02 -9.12 27.69
CA PHE B 134 12.04 -7.96 26.82
C PHE B 134 11.20 -6.82 27.42
N VAL B 135 11.64 -5.60 27.16
CA VAL B 135 10.97 -4.40 27.65
C VAL B 135 10.52 -3.57 26.46
N HIS B 136 9.34 -2.95 26.59
CA HIS B 136 8.82 -2.10 25.52
C HIS B 136 9.63 -0.82 25.39
N ILE B 137 9.93 -0.43 24.16
CA ILE B 137 10.61 0.84 23.88
C ILE B 137 9.66 1.86 23.28
N LYS B 138 8.86 1.44 22.30
CA LYS B 138 7.88 2.34 21.71
C LYS B 138 6.82 1.51 21.01
N GLU B 139 5.63 2.10 20.90
CA GLU B 139 4.55 1.57 20.08
C GLU B 139 4.35 2.51 18.90
N GLU B 140 4.27 1.96 17.70
CA GLU B 140 4.28 2.77 16.49
C GLU B 140 3.62 1.98 15.37
N ASP B 141 2.96 2.71 14.46
CA ASP B 141 2.32 2.10 13.30
C ASP B 141 3.33 2.08 12.16
N CYS B 142 3.79 0.89 11.80
CA CYS B 142 4.72 0.74 10.69
C CYS B 142 3.99 0.90 9.37
N VAL B 143 4.46 1.82 8.53
CA VAL B 143 3.88 2.05 7.21
C VAL B 143 4.80 1.40 6.18
N VAL B 144 4.25 0.46 5.41
CA VAL B 144 5.01 -0.30 4.42
C VAL B 144 4.37 -0.10 3.05
N GLU B 145 5.14 0.44 2.12
CA GLU B 145 4.72 0.58 0.73
C GLU B 145 5.29 -0.57 -0.09
N LEU B 146 4.41 -1.28 -0.80
CA LEU B 146 4.84 -2.46 -1.56
C LEU B 146 3.94 -2.62 -2.78
N GLY B 147 4.50 -2.42 -3.96
CA GLY B 147 3.69 -2.48 -5.17
C GLY B 147 2.75 -1.28 -5.22
N GLU B 148 1.48 -1.54 -5.51
CA GLU B 148 0.50 -0.47 -5.56
C GLU B 148 0.00 -0.06 -4.19
N GLU B 149 0.14 -0.92 -3.18
CA GLU B 149 -0.49 -0.75 -1.89
C GLU B 149 0.44 -0.10 -0.87
N THR B 150 -0.18 0.54 0.11
CA THR B 150 0.50 1.05 1.30
C THR B 150 -0.20 0.45 2.50
N LEU B 151 0.52 -0.32 3.30
CA LEU B 151 -0.05 -1.07 4.41
C LEU B 151 0.36 -0.44 5.73
N ILE B 152 -0.41 -0.75 6.78
CA ILE B 152 -0.20 -0.16 8.10
C ILE B 152 -0.30 -1.25 9.15
N PHE B 153 0.78 -1.46 9.89
CA PHE B 153 0.87 -2.49 10.91
C PHE B 153 1.08 -1.85 12.28
N PRO B 154 0.13 -1.92 13.21
CA PRO B 154 0.42 -1.51 14.59
C PRO B 154 1.46 -2.42 15.22
N THR B 155 2.56 -1.83 15.69
CA THR B 155 3.81 -2.54 15.94
C THR B 155 4.39 -2.14 17.29
N LEU B 156 4.99 -3.11 17.99
CA LEU B 156 5.71 -2.88 19.23
C LEU B 156 7.20 -3.07 19.01
N PHE B 157 8.01 -2.25 19.68
CA PHE B 157 9.47 -2.36 19.61
C PHE B 157 10.01 -2.73 20.99
N MET B 158 10.89 -3.74 21.04
CA MET B 158 11.33 -4.33 22.29
C MET B 158 12.83 -4.59 22.26
N GLU B 159 13.44 -4.53 23.45
CA GLU B 159 14.87 -4.78 23.63
C GLU B 159 15.08 -5.65 24.86
N LYS B 160 16.26 -6.28 24.92
CA LYS B 160 16.63 -7.09 26.07
C LYS B 160 18.14 -7.02 26.29
N ILE B 161 18.53 -6.86 27.55
CA ILE B 161 19.94 -6.79 27.93
C ILE B 161 20.38 -8.18 28.40
N LEU B 162 21.46 -8.68 27.83
CA LEU B 162 22.04 -9.95 28.25
C LEU B 162 23.22 -9.73 29.19
N SER C 1 -29.55 -39.63 -16.08
CA SER C 1 -29.04 -38.29 -15.87
C SER C 1 -28.28 -38.17 -14.54
N MET C 2 -27.21 -38.94 -14.40
CA MET C 2 -26.35 -38.83 -13.22
C MET C 2 -25.62 -37.49 -13.25
N VAL C 3 -25.79 -36.71 -12.18
CA VAL C 3 -25.32 -35.33 -12.13
C VAL C 3 -24.56 -35.13 -10.83
N THR C 4 -23.40 -34.46 -10.90
CA THR C 4 -22.57 -34.21 -9.74
C THR C 4 -22.42 -32.72 -9.48
N ILE C 5 -22.63 -32.31 -8.23
CA ILE C 5 -22.35 -30.95 -7.77
C ILE C 5 -21.13 -31.01 -6.85
N LYS C 6 -20.16 -30.14 -7.11
CA LYS C 6 -18.97 -30.06 -6.28
C LYS C 6 -18.31 -28.69 -6.49
N VAL C 7 -17.28 -28.43 -5.69
CA VAL C 7 -16.47 -27.23 -5.89
C VAL C 7 -15.89 -27.27 -7.30
N PHE C 8 -15.96 -26.13 -7.99
CA PHE C 8 -15.50 -26.07 -9.38
C PHE C 8 -14.00 -26.29 -9.47
N SER C 9 -13.60 -27.08 -10.48
CA SER C 9 -12.22 -27.36 -10.81
C SER C 9 -12.22 -27.44 -12.33
N PRO C 10 -11.27 -26.79 -13.01
CA PRO C 10 -11.32 -26.75 -14.47
C PRO C 10 -10.86 -28.06 -15.09
N LYS C 11 -11.64 -28.55 -16.07
CA LYS C 11 -11.28 -29.77 -16.79
C LYS C 11 -10.15 -29.51 -17.79
N TYR C 12 -10.10 -28.31 -18.35
CA TYR C 12 -9.00 -27.84 -19.19
C TYR C 12 -8.89 -26.34 -18.99
N PRO C 13 -7.75 -25.73 -19.36
CA PRO C 13 -7.48 -24.34 -18.92
C PRO C 13 -8.61 -23.33 -19.14
N THR C 14 -9.16 -23.23 -20.35
CA THR C 14 -10.13 -22.19 -20.66
C THR C 14 -11.58 -22.66 -20.56
N GLU C 15 -11.85 -23.74 -19.82
CA GLU C 15 -13.21 -24.29 -19.79
C GLU C 15 -14.21 -23.27 -19.22
N LEU C 16 -13.86 -22.62 -18.11
CA LEU C 16 -14.80 -21.71 -17.46
C LEU C 16 -15.07 -20.47 -18.33
N GLU C 17 -14.04 -19.99 -19.03
CA GLU C 17 -14.20 -18.83 -19.91
C GLU C 17 -15.19 -19.13 -21.03
N GLU C 18 -15.07 -20.30 -21.66
CA GLU C 18 -15.95 -20.64 -22.77
C GLU C 18 -17.38 -20.85 -22.30
N PHE C 19 -17.56 -21.60 -21.20
CA PHE C 19 -18.90 -21.80 -20.65
C PHE C 19 -19.55 -20.48 -20.27
N TYR C 20 -18.82 -19.62 -19.54
CA TYR C 20 -19.38 -18.36 -19.10
C TYR C 20 -19.80 -17.50 -20.28
N ALA C 21 -18.95 -17.43 -21.32
CA ALA C 21 -19.25 -16.59 -22.48
C ALA C 21 -20.53 -17.05 -23.18
N GLU C 22 -20.74 -18.37 -23.29
CA GLU C 22 -21.97 -18.86 -23.90
C GLU C 22 -23.19 -18.53 -23.05
N ARG C 23 -23.04 -18.58 -21.72
CA ARG C 23 -24.17 -18.26 -20.86
C ARG C 23 -24.51 -16.78 -20.91
N ILE C 24 -23.49 -15.91 -20.96
CA ILE C 24 -23.72 -14.47 -21.01
C ILE C 24 -24.33 -14.08 -22.36
N ALA C 25 -23.77 -14.61 -23.45
CA ALA C 25 -24.33 -14.33 -24.77
C ALA C 25 -25.74 -14.87 -24.94
N ASP C 26 -26.11 -15.89 -24.16
CA ASP C 26 -27.47 -16.43 -24.22
C ASP C 26 -28.47 -15.61 -23.41
N ASN C 27 -28.03 -14.58 -22.69
CA ASN C 27 -28.93 -13.73 -21.89
C ASN C 27 -28.61 -12.26 -22.16
N PRO C 28 -28.86 -11.80 -23.40
CA PRO C 28 -28.35 -10.48 -23.79
C PRO C 28 -29.05 -9.32 -23.09
N LEU C 29 -30.21 -9.54 -22.48
CA LEU C 29 -30.93 -8.48 -21.80
C LEU C 29 -30.50 -8.28 -20.35
N GLY C 30 -29.93 -9.30 -19.70
CA GLY C 30 -29.74 -9.22 -18.26
C GLY C 30 -28.31 -9.16 -17.76
N PHE C 31 -27.34 -9.12 -18.67
CA PHE C 31 -25.95 -9.15 -18.29
C PHE C 31 -25.13 -8.26 -19.22
N ILE C 32 -24.08 -7.68 -18.66
CA ILE C 32 -23.09 -6.96 -19.47
C ILE C 32 -22.51 -7.92 -20.50
N GLN C 33 -22.52 -7.50 -21.77
CA GLN C 33 -22.10 -8.38 -22.85
C GLN C 33 -20.64 -8.21 -23.25
N ARG C 34 -20.00 -7.11 -22.88
CA ARG C 34 -18.60 -6.87 -23.26
C ARG C 34 -17.66 -7.48 -22.21
N LEU C 35 -17.64 -8.81 -22.19
CA LEU C 35 -16.81 -9.53 -21.22
C LEU C 35 -15.32 -9.26 -21.41
N ASP C 36 -14.90 -8.85 -22.61
CA ASP C 36 -13.51 -8.48 -22.84
C ASP C 36 -13.10 -7.25 -22.04
N LEU C 37 -14.05 -6.42 -21.61
CA LEU C 37 -13.75 -5.22 -20.83
C LEU C 37 -13.91 -5.43 -19.33
N LEU C 38 -14.18 -6.65 -18.90
CA LEU C 38 -14.32 -7.02 -17.49
C LEU C 38 -13.18 -7.94 -17.07
N PRO C 39 -12.91 -8.07 -15.77
CA PRO C 39 -11.94 -9.08 -15.33
C PRO C 39 -12.45 -10.47 -15.69
N SER C 40 -11.53 -11.35 -16.07
CA SER C 40 -11.90 -12.68 -16.51
C SER C 40 -12.63 -13.43 -15.40
N ILE C 41 -13.54 -14.31 -15.81
CA ILE C 41 -14.31 -15.08 -14.84
C ILE C 41 -13.39 -15.92 -13.96
N SER C 42 -12.28 -16.41 -14.50
CA SER C 42 -11.34 -17.19 -13.68
C SER C 42 -10.67 -16.32 -12.64
N GLY C 43 -10.35 -15.07 -12.99
CA GLY C 43 -9.84 -14.14 -11.99
C GLY C 43 -10.87 -13.83 -10.93
N PHE C 44 -12.15 -13.74 -11.32
CA PHE C 44 -13.22 -13.54 -10.35
C PHE C 44 -13.29 -14.69 -9.35
N VAL C 45 -13.22 -15.93 -9.85
CA VAL C 45 -13.31 -17.10 -8.98
C VAL C 45 -12.11 -17.15 -8.03
N GLN C 46 -10.92 -16.84 -8.53
CA GLN C 46 -9.74 -16.80 -7.67
C GLN C 46 -9.90 -15.77 -6.55
N LYS C 47 -10.31 -14.55 -6.90
CA LYS C 47 -10.49 -13.52 -5.89
C LYS C 47 -11.62 -13.89 -4.93
N LEU C 48 -12.71 -14.45 -5.46
CA LEU C 48 -13.82 -14.88 -4.61
C LEU C 48 -13.35 -15.84 -3.53
N ARG C 49 -12.51 -16.82 -3.90
CA ARG C 49 -12.01 -17.78 -2.93
C ARG C 49 -11.06 -17.15 -1.92
N GLU C 50 -10.35 -16.09 -2.32
CA GLU C 50 -9.44 -15.43 -1.39
C GLU C 50 -10.18 -14.61 -0.35
N HIS C 51 -11.36 -14.10 -0.69
CA HIS C 51 -12.22 -13.42 0.28
C HIS C 51 -13.00 -14.39 1.15
N GLY C 52 -12.81 -15.70 0.96
CA GLY C 52 -13.50 -16.70 1.75
C GLY C 52 -14.79 -17.22 1.15
N GLY C 53 -15.06 -16.97 -0.13
CA GLY C 53 -16.21 -17.52 -0.79
C GLY C 53 -15.90 -18.85 -1.46
N GLU C 54 -16.90 -19.38 -2.17
CA GLU C 54 -16.74 -20.62 -2.90
C GLU C 54 -17.50 -20.55 -4.21
N PHE C 55 -17.02 -21.29 -5.19
CA PHE C 55 -17.61 -21.34 -6.53
C PHE C 55 -17.87 -22.81 -6.88
N PHE C 56 -19.10 -23.11 -7.28
CA PHE C 56 -19.55 -24.49 -7.43
C PHE C 56 -19.84 -24.81 -8.90
N GLU C 57 -19.66 -26.09 -9.25
CA GLU C 57 -19.91 -26.59 -10.60
C GLU C 57 -21.00 -27.65 -10.55
N MET C 58 -21.71 -27.80 -11.66
CA MET C 58 -22.60 -28.94 -11.88
C MET C 58 -22.19 -29.63 -13.16
N ARG C 59 -22.06 -30.95 -13.12
CA ARG C 59 -21.61 -31.71 -14.28
C ARG C 59 -22.50 -32.91 -14.54
N GLU C 60 -22.83 -33.12 -15.81
CA GLU C 60 -23.35 -34.38 -16.32
C GLU C 60 -22.15 -35.14 -16.89
N GLY C 61 -21.75 -36.20 -16.20
CA GLY C 61 -20.48 -36.82 -16.54
C GLY C 61 -19.36 -35.86 -16.22
N ASN C 62 -18.46 -35.65 -17.18
CA ASN C 62 -17.41 -34.65 -17.06
C ASN C 62 -17.75 -33.36 -17.80
N LYS C 63 -19.01 -33.17 -18.19
CA LYS C 63 -19.42 -32.04 -19.01
C LYS C 63 -20.05 -30.96 -18.13
N LEU C 64 -19.47 -29.76 -18.16
CA LEU C 64 -19.95 -28.66 -17.33
C LEU C 64 -21.29 -28.14 -17.84
N ILE C 65 -22.30 -28.11 -16.98
CA ILE C 65 -23.62 -27.65 -17.39
C ILE C 65 -24.17 -26.59 -16.44
N GLY C 66 -23.49 -26.31 -15.34
CA GLY C 66 -24.00 -25.35 -14.37
C GLY C 66 -22.93 -24.81 -13.47
N ILE C 67 -23.11 -23.56 -13.02
CA ILE C 67 -22.20 -22.89 -12.11
C ILE C 67 -23.01 -22.05 -11.13
N CYS C 68 -22.42 -21.82 -9.95
CA CYS C 68 -23.03 -20.96 -8.94
C CYS C 68 -21.96 -20.54 -7.95
N GLY C 69 -21.93 -19.25 -7.63
CA GLY C 69 -20.98 -18.71 -6.69
C GLY C 69 -21.60 -18.25 -5.40
N LEU C 70 -20.77 -18.09 -4.37
CA LEU C 70 -21.23 -17.64 -3.06
C LEU C 70 -20.21 -16.64 -2.53
N ASN C 71 -20.63 -15.38 -2.34
CA ASN C 71 -19.73 -14.30 -1.99
C ASN C 71 -20.05 -13.75 -0.60
N PRO C 72 -19.12 -13.85 0.35
CA PRO C 72 -19.41 -13.38 1.72
C PRO C 72 -19.51 -11.86 1.79
N ILE C 73 -20.57 -11.38 2.44
CA ILE C 73 -20.73 -9.96 2.69
C ILE C 73 -20.20 -9.56 4.05
N ASN C 74 -20.58 -10.31 5.09
CA ASN C 74 -20.07 -10.11 6.44
C ASN C 74 -20.06 -11.47 7.13
N GLN C 75 -20.06 -11.46 8.47
CA GLN C 75 -19.95 -12.70 9.22
C GLN C 75 -21.19 -13.58 9.09
N THR C 76 -22.34 -13.01 8.73
CA THR C 76 -23.59 -13.77 8.70
C THR C 76 -24.35 -13.71 7.38
N GLU C 77 -23.94 -12.87 6.43
CA GLU C 77 -24.68 -12.70 5.18
C GLU C 77 -23.78 -13.00 4.00
N ALA C 78 -24.29 -13.78 3.05
CA ALA C 78 -23.54 -14.15 1.85
C ALA C 78 -24.40 -13.85 0.64
N GLU C 79 -23.73 -13.59 -0.48
CA GLU C 79 -24.37 -13.18 -1.72
C GLU C 79 -24.27 -14.28 -2.76
N LEU C 80 -25.41 -14.62 -3.37
CA LEU C 80 -25.44 -15.50 -4.52
C LEU C 80 -25.04 -14.75 -5.79
N CYS C 81 -24.23 -15.39 -6.63
CA CYS C 81 -23.77 -14.75 -7.87
C CYS C 81 -23.38 -15.81 -8.90
N LYS C 82 -23.30 -15.38 -10.16
CA LYS C 82 -22.84 -16.22 -11.27
C LYS C 82 -23.63 -17.53 -11.35
N PHE C 83 -24.94 -17.44 -11.17
CA PHE C 83 -25.81 -18.61 -11.11
C PHE C 83 -26.37 -18.89 -12.50
N HIS C 84 -25.88 -19.95 -13.15
CA HIS C 84 -26.19 -20.24 -14.55
C HIS C 84 -26.30 -21.74 -14.79
N ILE C 85 -27.26 -22.12 -15.62
CA ILE C 85 -27.44 -23.48 -16.11
C ILE C 85 -27.51 -23.43 -17.64
N ASN C 86 -26.76 -24.31 -18.30
CA ASN C 86 -26.78 -24.40 -19.76
C ASN C 86 -28.21 -24.45 -20.28
N SER C 87 -28.44 -23.78 -21.41
CA SER C 87 -29.81 -23.62 -21.94
C SER C 87 -30.50 -24.96 -22.16
N ALA C 88 -29.79 -25.93 -22.75
CA ALA C 88 -30.40 -27.21 -23.07
C ALA C 88 -30.80 -27.99 -21.83
N TYR C 89 -30.23 -27.67 -20.67
CA TYR C 89 -30.49 -28.41 -19.44
C TYR C 89 -31.43 -27.67 -18.50
N GLN C 90 -32.00 -26.55 -18.95
CA GLN C 90 -32.85 -25.73 -18.10
C GLN C 90 -34.25 -26.32 -17.97
N SER C 91 -34.96 -25.88 -16.93
CA SER C 91 -36.36 -26.20 -16.72
C SER C 91 -36.58 -27.70 -16.52
N GLN C 92 -35.62 -28.36 -15.86
CA GLN C 92 -35.73 -29.77 -15.47
C GLN C 92 -35.55 -29.97 -13.97
N GLY C 93 -35.46 -28.89 -13.19
CA GLY C 93 -35.20 -28.99 -11.77
C GLY C 93 -33.74 -28.94 -11.36
N LEU C 94 -32.81 -28.90 -12.31
CA LEU C 94 -31.40 -28.92 -11.96
C LEU C 94 -30.95 -27.60 -11.32
N GLY C 95 -31.48 -26.47 -11.80
CA GLY C 95 -31.14 -25.19 -11.19
C GLY C 95 -31.54 -25.10 -9.73
N GLN C 96 -32.78 -25.52 -9.42
CA GLN C 96 -33.20 -25.57 -8.02
C GLN C 96 -32.26 -26.46 -7.20
N LYS C 97 -31.86 -27.62 -7.74
CA LYS C 97 -30.99 -28.52 -6.98
C LYS C 97 -29.61 -27.92 -6.77
N LEU C 98 -29.03 -27.29 -7.80
CA LEU C 98 -27.77 -26.58 -7.63
C LEU C 98 -27.89 -25.51 -6.56
N TYR C 99 -28.95 -24.69 -6.61
CA TYR C 99 -29.12 -23.64 -5.60
C TYR C 99 -29.19 -24.23 -4.20
N GLU C 100 -29.98 -25.30 -4.03
CA GLU C 100 -30.18 -25.87 -2.69
C GLU C 100 -28.89 -26.42 -2.11
N SER C 101 -28.00 -26.93 -2.96
CA SER C 101 -26.67 -27.35 -2.50
C SER C 101 -25.86 -26.15 -2.03
N VAL C 102 -25.93 -25.04 -2.75
CA VAL C 102 -25.16 -23.86 -2.37
C VAL C 102 -25.71 -23.25 -1.08
N GLU C 103 -27.04 -23.22 -0.95
CA GLU C 103 -27.64 -22.67 0.27
C GLU C 103 -27.34 -23.55 1.48
N LYS C 104 -27.41 -24.88 1.32
CA LYS C 104 -27.06 -25.76 2.42
C LYS C 104 -25.60 -25.58 2.83
N TYR C 105 -24.70 -25.46 1.84
CA TYR C 105 -23.31 -25.15 2.13
C TYR C 105 -23.18 -23.87 2.96
N ALA C 106 -23.87 -22.81 2.54
CA ALA C 106 -23.81 -21.55 3.27
C ALA C 106 -24.36 -21.72 4.68
N PHE C 107 -25.50 -22.39 4.81
CA PHE C 107 -26.08 -22.68 6.11
C PHE C 107 -25.07 -23.37 7.02
N ILE C 108 -24.43 -24.43 6.52
CA ILE C 108 -23.50 -25.21 7.34
C ILE C 108 -22.29 -24.37 7.75
N LYS C 109 -21.85 -23.46 6.87
CA LYS C 109 -20.75 -22.57 7.22
C LYS C 109 -21.13 -21.56 8.30
N GLY C 110 -22.42 -21.32 8.52
CA GLY C 110 -22.86 -20.37 9.54
C GLY C 110 -23.58 -19.15 9.02
N TYR C 111 -23.80 -19.04 7.72
CA TYR C 111 -24.50 -17.89 7.16
C TYR C 111 -26.00 -18.02 7.41
N THR C 112 -26.61 -16.94 7.89
CA THR C 112 -28.04 -16.93 8.17
C THR C 112 -28.84 -16.07 7.21
N LYS C 113 -28.21 -15.52 6.18
CA LYS C 113 -28.90 -14.66 5.22
C LYS C 113 -28.25 -14.77 3.86
N ILE C 114 -29.07 -14.96 2.82
CA ILE C 114 -28.63 -14.93 1.44
C ILE C 114 -29.28 -13.73 0.75
N SER C 115 -28.46 -12.89 0.13
CA SER C 115 -28.96 -11.78 -0.67
C SER C 115 -28.51 -11.95 -2.12
N LEU C 116 -29.21 -11.26 -3.02
CA LEU C 116 -28.85 -11.31 -4.43
C LEU C 116 -29.51 -10.13 -5.14
N HIS C 117 -29.04 -9.87 -6.35
CA HIS C 117 -29.74 -8.99 -7.28
C HIS C 117 -29.78 -9.67 -8.64
N VAL C 118 -30.84 -9.37 -9.40
CA VAL C 118 -31.07 -10.02 -10.69
C VAL C 118 -31.82 -9.05 -11.58
N SER C 119 -31.50 -9.06 -12.88
CA SER C 119 -32.26 -8.28 -13.85
C SER C 119 -33.67 -8.84 -13.98
N LYS C 120 -34.64 -7.94 -14.19
CA LYS C 120 -36.02 -8.36 -14.32
C LYS C 120 -36.26 -9.18 -15.58
N SER C 121 -35.44 -8.96 -16.61
CA SER C 121 -35.54 -9.78 -17.82
C SER C 121 -35.33 -11.26 -17.55
N GLN C 122 -34.75 -11.64 -16.40
CA GLN C 122 -34.45 -13.04 -16.09
C GLN C 122 -35.67 -13.69 -15.43
N ILE C 123 -36.61 -14.12 -16.26
CA ILE C 123 -37.91 -14.58 -15.75
C ILE C 123 -37.76 -15.84 -14.92
N LYS C 124 -37.02 -16.83 -15.44
CA LYS C 124 -36.89 -18.11 -14.73
C LYS C 124 -36.27 -17.92 -13.36
N ALA C 125 -35.19 -17.14 -13.28
CA ALA C 125 -34.54 -16.89 -12.00
C ALA C 125 -35.50 -16.24 -11.02
N CYS C 126 -36.19 -15.18 -11.45
CA CYS C 126 -37.11 -14.48 -10.57
C CYS C 126 -38.20 -15.41 -10.06
N ASN C 127 -38.71 -16.29 -10.92
CA ASN C 127 -39.70 -17.26 -10.47
C ASN C 127 -39.10 -18.23 -9.46
N LEU C 128 -37.85 -18.65 -9.67
CA LEU C 128 -37.21 -19.57 -8.73
C LEU C 128 -36.99 -18.92 -7.37
N TYR C 129 -36.43 -17.71 -7.37
CA TYR C 129 -36.16 -17.04 -6.09
C TYR C 129 -37.44 -16.84 -5.30
N GLN C 130 -38.53 -16.51 -5.99
CA GLN C 130 -39.82 -16.38 -5.33
C GLN C 130 -40.30 -17.73 -4.79
N LYS C 131 -40.08 -18.81 -5.54
CA LYS C 131 -40.46 -20.14 -5.04
C LYS C 131 -39.64 -20.52 -3.81
N LEU C 132 -38.36 -20.14 -3.79
CA LEU C 132 -37.48 -20.48 -2.68
C LEU C 132 -37.71 -19.62 -1.44
N GLY C 133 -38.55 -18.59 -1.53
CA GLY C 133 -38.89 -17.77 -0.37
C GLY C 133 -38.12 -16.49 -0.22
N PHE C 134 -37.42 -16.03 -1.26
CA PHE C 134 -36.77 -14.72 -1.20
C PHE C 134 -37.82 -13.62 -1.15
N VAL C 135 -37.50 -12.55 -0.42
CA VAL C 135 -38.38 -11.39 -0.30
C VAL C 135 -37.73 -10.22 -1.02
N HIS C 136 -38.53 -9.41 -1.70
CA HIS C 136 -38.01 -8.26 -2.40
C HIS C 136 -37.56 -7.19 -1.41
N ILE C 137 -36.42 -6.57 -1.68
CA ILE C 137 -35.95 -5.41 -0.93
C ILE C 137 -36.30 -4.12 -1.65
N LYS C 138 -35.98 -4.04 -2.94
CA LYS C 138 -36.23 -2.86 -3.76
C LYS C 138 -36.01 -3.22 -5.22
N GLU C 139 -36.72 -2.52 -6.09
CA GLU C 139 -36.45 -2.46 -7.52
C GLU C 139 -35.72 -1.16 -7.82
N GLU C 140 -34.83 -1.20 -8.81
CA GLU C 140 -34.14 0.03 -9.19
C GLU C 140 -33.42 -0.19 -10.51
N ASP C 141 -33.28 0.90 -11.27
CA ASP C 141 -32.54 0.87 -12.53
C ASP C 141 -31.05 1.03 -12.21
N CYS C 142 -30.29 -0.05 -12.40
CA CYS C 142 -28.84 0.00 -12.25
C CYS C 142 -28.23 0.65 -13.48
N VAL C 143 -27.47 1.73 -13.28
CA VAL C 143 -26.77 2.41 -14.35
C VAL C 143 -25.30 1.98 -14.28
N VAL C 144 -24.79 1.40 -15.36
CA VAL C 144 -23.44 0.83 -15.40
C VAL C 144 -22.70 1.43 -16.59
N GLU C 145 -21.55 2.05 -16.35
CA GLU C 145 -20.72 2.60 -17.40
C GLU C 145 -19.56 1.65 -17.68
N LEU C 146 -19.30 1.39 -18.95
CA LEU C 146 -18.26 0.45 -19.33
C LEU C 146 -17.86 0.71 -20.78
N GLY C 147 -16.60 1.09 -20.99
CA GLY C 147 -16.17 1.47 -22.32
C GLY C 147 -16.88 2.75 -22.76
N GLU C 148 -17.31 2.77 -24.01
CA GLU C 148 -17.97 3.94 -24.57
C GLU C 148 -19.47 3.97 -24.29
N GLU C 149 -20.00 3.00 -23.55
CA GLU C 149 -21.43 2.83 -23.39
C GLU C 149 -21.84 3.05 -21.93
N THR C 150 -23.06 3.53 -21.75
CA THR C 150 -23.75 3.49 -20.47
C THR C 150 -24.95 2.55 -20.61
N LEU C 151 -25.06 1.59 -19.69
CA LEU C 151 -26.10 0.57 -19.74
C LEU C 151 -27.04 0.71 -18.54
N ILE C 152 -28.33 0.46 -18.77
CA ILE C 152 -29.35 0.62 -17.74
C ILE C 152 -30.09 -0.70 -17.59
N PHE C 153 -30.00 -1.29 -16.40
CA PHE C 153 -30.61 -2.59 -16.10
C PHE C 153 -31.68 -2.43 -15.04
N PRO C 154 -32.96 -2.61 -15.36
CA PRO C 154 -33.98 -2.73 -14.30
C PRO C 154 -33.73 -4.00 -13.47
N THR C 155 -33.50 -3.81 -12.17
CA THR C 155 -32.95 -4.84 -11.31
C THR C 155 -33.80 -5.02 -10.06
N LEU C 156 -33.90 -6.28 -9.60
CA LEU C 156 -34.53 -6.61 -8.33
C LEU C 156 -33.48 -6.99 -7.30
N PHE C 157 -33.71 -6.60 -6.04
CA PHE C 157 -32.84 -6.93 -4.92
C PHE C 157 -33.62 -7.76 -3.92
N MET C 158 -33.05 -8.90 -3.50
CA MET C 158 -33.80 -9.91 -2.76
C MET C 158 -32.97 -10.42 -1.58
N GLU C 159 -33.67 -10.94 -0.57
CA GLU C 159 -33.06 -11.45 0.65
C GLU C 159 -33.83 -12.66 1.14
N LYS C 160 -33.12 -13.55 1.83
CA LYS C 160 -33.75 -14.72 2.45
C LYS C 160 -33.01 -15.08 3.72
N ILE C 161 -33.75 -15.24 4.82
CA ILE C 161 -33.21 -15.66 6.11
C ILE C 161 -33.25 -17.18 6.18
N LEU C 162 -32.16 -17.78 6.67
CA LEU C 162 -32.06 -19.24 6.73
C LEU C 162 -32.37 -19.77 8.14
N SER D 1 35.23 -3.88 4.16
CA SER D 1 35.67 -2.52 4.45
C SER D 1 36.47 -1.92 3.31
N MET D 2 36.04 -2.19 2.08
CA MET D 2 36.58 -1.57 0.88
C MET D 2 35.46 -0.80 0.20
N VAL D 3 35.77 0.41 -0.28
CA VAL D 3 34.73 1.36 -0.62
C VAL D 3 34.19 1.09 -2.02
N THR D 4 32.86 1.06 -2.17
CA THR D 4 32.18 0.74 -3.41
C THR D 4 31.12 1.78 -3.73
N ILE D 5 31.05 2.18 -5.02
CA ILE D 5 30.05 3.12 -5.51
C ILE D 5 29.13 2.39 -6.48
N LYS D 6 27.82 2.53 -6.27
CA LYS D 6 26.83 1.90 -7.15
C LYS D 6 25.50 2.61 -6.98
N VAL D 7 24.51 2.18 -7.76
CA VAL D 7 23.16 2.68 -7.63
C VAL D 7 22.60 2.27 -6.27
N PHE D 8 21.94 3.22 -5.59
CA PHE D 8 21.49 2.98 -4.22
C PHE D 8 20.43 1.89 -4.16
N SER D 9 20.57 1.01 -3.18
CA SER D 9 19.62 -0.05 -2.87
C SER D 9 19.63 -0.16 -1.35
N PRO D 10 18.48 -0.12 -0.69
CA PRO D 10 18.47 -0.07 0.78
C PRO D 10 18.82 -1.42 1.40
N LYS D 11 19.75 -1.39 2.36
CA LYS D 11 20.15 -2.61 3.05
C LYS D 11 19.05 -3.09 4.00
N TYR D 12 18.28 -2.16 4.55
CA TYR D 12 17.09 -2.45 5.34
C TYR D 12 16.12 -1.30 5.13
N PRO D 13 14.82 -1.51 5.37
CA PRO D 13 13.81 -0.54 4.88
C PRO D 13 14.05 0.92 5.25
N THR D 14 14.46 1.22 6.48
CA THR D 14 14.57 2.61 6.93
C THR D 14 16.00 3.14 6.86
N GLU D 15 16.88 2.47 6.11
CA GLU D 15 18.30 2.84 6.12
C GLU D 15 18.50 4.27 5.61
N LEU D 16 17.88 4.63 4.48
CA LEU D 16 18.10 5.95 3.89
C LEU D 16 17.55 7.05 4.78
N GLU D 17 16.38 6.82 5.40
CA GLU D 17 15.78 7.84 6.26
C GLU D 17 16.67 8.14 7.46
N GLU D 18 17.21 7.10 8.09
CA GLU D 18 18.06 7.31 9.27
C GLU D 18 19.37 7.97 8.89
N PHE D 19 19.98 7.53 7.78
CA PHE D 19 21.21 8.16 7.31
C PHE D 19 20.99 9.63 6.96
N TYR D 20 19.94 9.90 6.17
CA TYR D 20 19.70 11.26 5.73
C TYR D 20 19.40 12.17 6.91
N ALA D 21 18.64 11.68 7.89
CA ALA D 21 18.31 12.50 9.05
C ALA D 21 19.55 12.88 9.83
N GLU D 22 20.48 11.92 9.99
CA GLU D 22 21.74 12.22 10.70
C GLU D 22 22.58 13.21 9.92
N ARG D 23 22.58 13.12 8.59
CA ARG D 23 23.34 14.08 7.79
C ARG D 23 22.74 15.48 7.91
N ILE D 24 21.42 15.59 7.80
CA ILE D 24 20.77 16.90 7.86
C ILE D 24 21.01 17.54 9.22
N ALA D 25 20.88 16.76 10.30
CA ALA D 25 21.08 17.32 11.63
C ALA D 25 22.55 17.67 11.90
N ASP D 26 23.47 17.11 11.12
CA ASP D 26 24.89 17.45 11.19
C ASP D 26 25.21 18.75 10.48
N ASN D 27 24.23 19.37 9.83
CA ASN D 27 24.42 20.63 9.09
C ASN D 27 23.23 21.54 9.39
N PRO D 28 23.11 22.02 10.63
CA PRO D 28 21.90 22.77 11.01
C PRO D 28 21.79 24.15 10.35
N LEU D 29 22.88 24.69 9.82
CA LEU D 29 22.86 26.01 9.19
C LEU D 29 22.47 25.98 7.72
N GLY D 30 22.62 24.85 7.05
CA GLY D 30 22.50 24.83 5.60
C GLY D 30 21.32 24.09 5.02
N PHE D 31 20.48 23.51 5.88
CA PHE D 31 19.38 22.68 5.41
C PHE D 31 18.18 22.85 6.33
N ILE D 32 17.00 22.74 5.72
CA ILE D 32 15.76 22.66 6.48
C ILE D 32 15.85 21.51 7.48
N GLN D 33 15.54 21.80 8.75
CA GLN D 33 15.65 20.80 9.80
C GLN D 33 14.35 20.02 10.02
N ARG D 34 13.19 20.61 9.73
CA ARG D 34 11.89 19.96 9.94
C ARG D 34 11.62 18.97 8.82
N LEU D 35 12.36 17.85 8.87
CA LEU D 35 12.20 16.79 7.87
C LEU D 35 10.81 16.17 7.90
N ASP D 36 10.12 16.22 9.04
CA ASP D 36 8.77 15.69 9.15
C ASP D 36 7.74 16.51 8.36
N LEU D 37 8.11 17.73 7.93
CA LEU D 37 7.23 18.57 7.14
C LEU D 37 7.54 18.50 5.65
N LEU D 38 8.49 17.66 5.24
CA LEU D 38 8.86 17.46 3.86
C LEU D 38 8.61 16.00 3.47
N PRO D 39 8.40 15.71 2.19
CA PRO D 39 8.27 14.31 1.77
C PRO D 39 9.54 13.54 2.12
N SER D 40 9.37 12.26 2.41
CA SER D 40 10.49 11.41 2.80
C SER D 40 11.55 11.36 1.70
N ILE D 41 12.81 11.17 2.13
CA ILE D 41 13.93 11.06 1.21
C ILE D 41 13.72 9.89 0.24
N SER D 42 12.95 8.88 0.64
CA SER D 42 12.71 7.75 -0.25
C SER D 42 11.81 8.15 -1.40
N GLY D 43 10.78 8.94 -1.13
CA GLY D 43 9.97 9.49 -2.19
C GLY D 43 10.77 10.37 -3.14
N PHE D 44 11.74 11.12 -2.59
CA PHE D 44 12.63 11.91 -3.43
C PHE D 44 13.40 11.04 -4.41
N VAL D 45 13.93 9.90 -3.91
CA VAL D 45 14.62 8.95 -4.78
C VAL D 45 13.67 8.44 -5.86
N GLN D 46 12.43 8.12 -5.48
CA GLN D 46 11.45 7.68 -6.46
C GLN D 46 11.14 8.77 -7.48
N LYS D 47 11.11 10.03 -7.03
CA LYS D 47 10.85 11.14 -7.96
C LYS D 47 11.97 11.27 -8.97
N LEU D 48 13.21 11.13 -8.52
CA LEU D 48 14.37 11.19 -9.42
C LEU D 48 14.30 10.11 -10.48
N ARG D 49 14.09 8.86 -10.05
CA ARG D 49 14.15 7.75 -10.99
C ARG D 49 12.97 7.76 -11.95
N GLU D 50 11.79 8.21 -11.51
CA GLU D 50 10.63 8.24 -12.39
C GLU D 50 10.76 9.31 -13.46
N HIS D 51 11.66 10.29 -13.27
CA HIS D 51 11.88 11.34 -14.25
C HIS D 51 13.18 11.16 -15.02
N GLY D 52 13.80 10.00 -14.93
CA GLY D 52 15.00 9.71 -15.69
C GLY D 52 16.30 10.04 -15.00
N GLY D 53 16.28 10.30 -13.68
CA GLY D 53 17.49 10.53 -12.92
C GLY D 53 17.96 9.28 -12.19
N GLU D 54 18.98 9.46 -11.36
CA GLU D 54 19.52 8.35 -10.59
C GLU D 54 19.99 8.85 -9.23
N PHE D 55 20.14 7.90 -8.31
CA PHE D 55 20.57 8.17 -6.94
C PHE D 55 21.61 7.12 -6.58
N PHE D 56 22.78 7.56 -6.13
CA PHE D 56 23.93 6.70 -5.93
C PHE D 56 24.31 6.62 -4.45
N GLU D 57 24.97 5.51 -4.10
CA GLU D 57 25.44 5.25 -2.76
C GLU D 57 26.94 5.01 -2.79
N MET D 58 27.59 5.32 -1.67
CA MET D 58 28.95 4.89 -1.42
C MET D 58 28.94 4.07 -0.14
N ARG D 59 29.57 2.90 -0.16
CA ARG D 59 29.58 1.99 0.98
C ARG D 59 31.00 1.59 1.31
N GLU D 60 31.31 1.55 2.61
CA GLU D 60 32.49 0.87 3.12
C GLU D 60 32.01 -0.47 3.66
N GLY D 61 32.40 -1.55 3.02
CA GLY D 61 31.78 -2.83 3.30
C GLY D 61 30.31 -2.76 2.94
N ASN D 62 29.44 -3.09 3.89
CA ASN D 62 28.00 -2.94 3.69
C ASN D 62 27.45 -1.71 4.40
N LYS D 63 28.30 -0.81 4.89
CA LYS D 63 27.86 0.35 5.65
C LYS D 63 27.75 1.56 4.72
N LEU D 64 26.58 2.21 4.73
CA LEU D 64 26.36 3.40 3.93
C LEU D 64 27.13 4.58 4.50
N ILE D 65 27.97 5.21 3.69
CA ILE D 65 28.73 6.36 4.16
C ILE D 65 28.54 7.57 3.25
N GLY D 66 27.89 7.37 2.10
CA GLY D 66 27.75 8.46 1.15
C GLY D 66 26.57 8.27 0.22
N ILE D 67 25.95 9.39 -0.15
CA ILE D 67 24.85 9.40 -1.12
C ILE D 67 25.04 10.58 -2.06
N CYS D 68 24.47 10.45 -3.26
CA CYS D 68 24.48 11.58 -4.18
C CYS D 68 23.45 11.35 -5.28
N GLY D 69 22.70 12.39 -5.62
CA GLY D 69 21.65 12.27 -6.61
C GLY D 69 21.92 13.06 -7.88
N LEU D 70 21.23 12.71 -8.96
CA LEU D 70 21.30 13.45 -10.22
C LEU D 70 19.90 13.63 -10.76
N ASN D 71 19.46 14.87 -10.91
CA ASN D 71 18.08 15.19 -11.28
C ASN D 71 18.04 15.88 -12.64
N PRO D 72 17.42 15.30 -13.65
CA PRO D 72 17.35 15.96 -14.96
C PRO D 72 16.52 17.22 -14.91
N ILE D 73 16.97 18.25 -15.61
CA ILE D 73 16.24 19.50 -15.80
C ILE D 73 15.66 19.60 -17.20
N ASN D 74 16.48 19.28 -18.20
CA ASN D 74 16.04 19.24 -19.59
C ASN D 74 16.88 18.19 -20.31
N GLN D 75 16.93 18.27 -21.65
CA GLN D 75 17.62 17.25 -22.43
C GLN D 75 19.13 17.28 -22.24
N THR D 76 19.70 18.42 -21.85
CA THR D 76 21.15 18.56 -21.75
C THR D 76 21.65 19.01 -20.39
N GLU D 77 20.77 19.29 -19.43
CA GLU D 77 21.20 19.83 -18.15
C GLU D 77 20.64 18.99 -17.03
N ALA D 78 21.49 18.69 -16.05
CA ALA D 78 21.09 17.91 -14.88
C ALA D 78 21.53 18.65 -13.62
N GLU D 79 20.84 18.35 -12.53
CA GLU D 79 21.08 18.98 -11.23
C GLU D 79 21.66 17.98 -10.25
N LEU D 80 22.74 18.38 -9.56
CA LEU D 80 23.28 17.61 -8.46
C LEU D 80 22.52 17.94 -7.18
N CYS D 81 22.27 16.92 -6.36
CA CYS D 81 21.49 17.14 -5.15
C CYS D 81 21.74 15.99 -4.18
N LYS D 82 21.39 16.23 -2.91
CA LYS D 82 21.49 15.22 -1.84
C LYS D 82 22.90 14.65 -1.77
N PHE D 83 23.89 15.52 -1.88
CA PHE D 83 25.29 15.12 -1.90
C PHE D 83 25.82 15.17 -0.47
N HIS D 84 26.07 14.00 0.11
CA HIS D 84 26.40 13.89 1.52
C HIS D 84 27.39 12.76 1.76
N ILE D 85 28.37 13.02 2.61
CA ILE D 85 29.30 12.01 3.11
C ILE D 85 29.24 12.04 4.63
N ASN D 86 29.22 10.85 5.24
CA ASN D 86 29.18 10.77 6.69
C ASN D 86 30.37 11.51 7.29
N SER D 87 30.11 12.24 8.38
CA SER D 87 31.09 13.19 8.92
C SER D 87 32.41 12.53 9.27
N ALA D 88 32.40 11.26 9.67
CA ALA D 88 33.63 10.57 10.03
C ALA D 88 34.47 10.21 8.82
N TYR D 89 33.87 10.14 7.63
CA TYR D 89 34.56 9.76 6.40
C TYR D 89 34.83 10.96 5.50
N GLN D 90 34.61 12.18 5.98
CA GLN D 90 34.82 13.38 5.19
C GLN D 90 36.30 13.74 5.13
N SER D 91 36.61 14.64 4.19
CA SER D 91 37.94 15.27 4.10
C SER D 91 39.05 14.24 3.90
N GLN D 92 38.75 13.12 3.23
CA GLN D 92 39.83 12.21 2.85
C GLN D 92 39.69 11.72 1.41
N GLY D 93 39.00 12.45 0.55
CA GLY D 93 38.98 12.17 -0.88
C GLY D 93 37.75 11.43 -1.36
N LEU D 94 36.91 10.92 -0.46
CA LEU D 94 35.80 10.07 -0.89
C LEU D 94 34.70 10.88 -1.58
N GLY D 95 34.36 12.05 -1.04
CA GLY D 95 33.30 12.84 -1.65
C GLY D 95 33.61 13.20 -3.10
N GLN D 96 34.85 13.63 -3.36
CA GLN D 96 35.27 13.90 -4.73
C GLN D 96 35.13 12.67 -5.61
N LYS D 97 35.54 11.50 -5.12
CA LYS D 97 35.41 10.28 -5.93
C LYS D 97 33.95 9.96 -6.23
N LEU D 98 33.09 10.09 -5.21
CA LEU D 98 31.66 9.89 -5.44
C LEU D 98 31.15 10.83 -6.53
N TYR D 99 31.54 12.11 -6.47
CA TYR D 99 31.07 13.07 -7.47
C TYR D 99 31.56 12.70 -8.86
N GLU D 100 32.83 12.32 -8.98
CA GLU D 100 33.38 11.95 -10.28
C GLU D 100 32.63 10.79 -10.90
N SER D 101 32.13 9.87 -10.07
CA SER D 101 31.28 8.79 -10.59
C SER D 101 30.00 9.37 -11.18
N VAL D 102 29.33 10.24 -10.42
CA VAL D 102 28.07 10.82 -10.88
C VAL D 102 28.29 11.66 -12.13
N GLU D 103 29.37 12.44 -12.17
CA GLU D 103 29.65 13.29 -13.32
C GLU D 103 29.89 12.45 -14.57
N LYS D 104 30.61 11.33 -14.43
CA LYS D 104 30.84 10.47 -15.59
C LYS D 104 29.54 9.86 -16.06
N TYR D 105 28.70 9.40 -15.13
CA TYR D 105 27.37 8.90 -15.49
C TYR D 105 26.56 9.96 -16.23
N ALA D 106 26.65 11.22 -15.79
CA ALA D 106 25.92 12.28 -16.48
C ALA D 106 26.42 12.48 -17.90
N PHE D 107 27.74 12.45 -18.09
CA PHE D 107 28.30 12.61 -19.43
C PHE D 107 27.90 11.44 -20.34
N ILE D 108 27.84 10.23 -19.81
CA ILE D 108 27.44 9.09 -20.62
C ILE D 108 25.97 9.21 -21.00
N LYS D 109 25.13 9.66 -20.07
CA LYS D 109 23.71 9.84 -20.33
C LYS D 109 23.44 10.96 -21.32
N GLY D 110 24.44 11.75 -21.70
CA GLY D 110 24.28 12.79 -22.69
C GLY D 110 24.18 14.20 -22.14
N TYR D 111 24.18 14.37 -20.82
CA TYR D 111 24.11 15.72 -20.24
C TYR D 111 25.41 16.46 -20.46
N THR D 112 25.30 17.72 -20.90
CA THR D 112 26.45 18.57 -21.13
C THR D 112 26.65 19.63 -20.05
N LYS D 113 25.69 19.79 -19.14
CA LYS D 113 25.76 20.82 -18.09
C LYS D 113 25.23 20.26 -16.79
N ILE D 114 25.96 20.52 -15.70
CA ILE D 114 25.50 20.21 -14.34
C ILE D 114 25.38 21.52 -13.58
N SER D 115 24.19 21.77 -13.04
CA SER D 115 23.96 22.91 -12.15
C SER D 115 23.64 22.42 -10.74
N LEU D 116 23.65 23.36 -9.81
CA LEU D 116 23.39 23.07 -8.40
C LEU D 116 23.23 24.39 -7.66
N HIS D 117 22.71 24.30 -6.45
CA HIS D 117 22.73 25.41 -5.50
C HIS D 117 23.07 24.84 -4.12
N VAL D 118 23.71 25.65 -3.30
CA VAL D 118 24.19 25.20 -1.99
C VAL D 118 24.25 26.40 -1.05
N SER D 119 23.93 26.18 0.22
CA SER D 119 24.00 27.25 1.21
C SER D 119 25.45 27.69 1.42
N LYS D 120 25.62 28.98 1.72
CA LYS D 120 26.96 29.53 1.94
C LYS D 120 27.66 28.88 3.13
N SER D 121 26.88 28.47 4.15
CA SER D 121 27.45 27.83 5.32
C SER D 121 28.20 26.53 5.01
N GLN D 122 27.98 25.93 3.83
CA GLN D 122 28.56 24.63 3.48
C GLN D 122 29.94 24.82 2.85
N ILE D 123 30.94 25.07 3.71
CA ILE D 123 32.28 25.45 3.24
C ILE D 123 32.90 24.33 2.41
N LYS D 124 32.90 23.10 2.93
CA LYS D 124 33.56 22.00 2.22
C LYS D 124 32.99 21.82 0.83
N ALA D 125 31.65 21.86 0.70
CA ALA D 125 31.02 21.71 -0.60
C ALA D 125 31.45 22.80 -1.56
N CYS D 126 31.41 24.06 -1.12
CA CYS D 126 31.79 25.17 -2.00
C CYS D 126 33.24 25.04 -2.47
N ASN D 127 34.15 24.65 -1.56
CA ASN D 127 35.54 24.45 -1.96
C ASN D 127 35.65 23.35 -3.01
N LEU D 128 34.96 22.22 -2.79
CA LEU D 128 35.01 21.12 -3.74
C LEU D 128 34.45 21.54 -5.10
N TYR D 129 33.31 22.23 -5.11
CA TYR D 129 32.72 22.64 -6.38
C TYR D 129 33.65 23.56 -7.16
N GLN D 130 34.35 24.44 -6.46
CA GLN D 130 35.30 25.32 -7.14
C GLN D 130 36.44 24.51 -7.74
N LYS D 131 36.90 23.48 -7.03
CA LYS D 131 37.99 22.66 -7.51
C LYS D 131 37.58 21.87 -8.76
N LEU D 132 36.34 21.36 -8.78
CA LEU D 132 35.83 20.57 -9.89
C LEU D 132 35.54 21.39 -11.14
N GLY D 133 35.66 22.72 -11.08
CA GLY D 133 35.42 23.54 -12.23
C GLY D 133 34.04 24.15 -12.35
N PHE D 134 33.29 24.21 -11.25
CA PHE D 134 32.03 24.95 -11.24
C PHE D 134 32.29 26.45 -11.20
N VAL D 135 31.45 27.21 -11.88
CA VAL D 135 31.55 28.67 -11.90
C VAL D 135 30.29 29.26 -11.28
N HIS D 136 30.45 30.42 -10.64
CA HIS D 136 29.36 31.06 -9.93
C HIS D 136 28.40 31.73 -10.91
N ILE D 137 27.10 31.53 -10.71
CA ILE D 137 26.09 32.14 -11.58
C ILE D 137 25.45 33.32 -10.87
N LYS D 138 24.87 33.07 -9.71
CA LYS D 138 24.24 34.14 -8.95
C LYS D 138 24.21 33.77 -7.48
N GLU D 139 23.86 34.77 -6.68
CA GLU D 139 23.72 34.69 -5.24
C GLU D 139 22.29 35.09 -4.87
N GLU D 140 21.79 34.54 -3.78
CA GLU D 140 20.41 34.82 -3.39
C GLU D 140 20.11 34.36 -1.98
N ASP D 141 19.44 35.20 -1.20
CA ASP D 141 18.89 34.80 0.09
C ASP D 141 17.57 34.11 -0.14
N CYS D 142 17.57 32.78 -0.07
CA CYS D 142 16.36 32.00 -0.31
C CYS D 142 15.46 32.05 0.92
N VAL D 143 14.24 32.54 0.73
CA VAL D 143 13.25 32.60 1.80
C VAL D 143 12.40 31.33 1.74
N VAL D 144 12.21 30.68 2.88
CA VAL D 144 11.51 29.40 2.95
C VAL D 144 10.46 29.49 4.06
N GLU D 145 9.19 29.40 3.67
CA GLU D 145 8.09 29.32 4.63
C GLU D 145 7.85 27.87 4.97
N LEU D 146 7.96 27.53 6.25
CA LEU D 146 7.68 26.17 6.71
C LEU D 146 6.94 26.25 8.04
N GLY D 147 5.62 26.09 7.98
CA GLY D 147 4.81 26.27 9.17
C GLY D 147 4.68 27.76 9.48
N GLU D 148 4.72 28.08 10.77
CA GLU D 148 4.66 29.46 11.21
C GLU D 148 6.02 30.16 11.16
N GLU D 149 7.04 29.48 10.65
CA GLU D 149 8.40 30.00 10.57
C GLU D 149 8.70 30.50 9.15
N THR D 150 9.67 31.40 9.08
CA THR D 150 10.23 31.85 7.82
C THR D 150 11.75 31.82 7.97
N LEU D 151 12.42 31.08 7.10
CA LEU D 151 13.86 30.88 7.17
C LEU D 151 14.54 31.54 5.98
N ILE D 152 15.74 32.05 6.21
CA ILE D 152 16.52 32.74 5.19
C ILE D 152 17.87 32.05 5.06
N PHE D 153 18.08 31.40 3.91
CA PHE D 153 19.32 30.69 3.59
C PHE D 153 20.10 31.45 2.52
N PRO D 154 21.23 32.06 2.84
CA PRO D 154 22.08 32.61 1.76
C PRO D 154 22.64 31.47 0.91
N THR D 155 22.42 31.56 -0.40
CA THR D 155 22.59 30.43 -1.30
C THR D 155 23.43 30.83 -2.52
N LEU D 156 24.29 29.92 -2.95
CA LEU D 156 25.09 30.06 -4.17
C LEU D 156 24.55 29.17 -5.26
N PHE D 157 24.49 29.69 -6.48
CA PHE D 157 24.06 28.92 -7.65
C PHE D 157 25.26 28.74 -8.58
N MET D 158 25.49 27.50 -9.01
CA MET D 158 26.71 27.16 -9.73
C MET D 158 26.39 26.29 -10.95
N GLU D 159 27.25 26.40 -11.97
CA GLU D 159 27.15 25.65 -13.21
C GLU D 159 28.50 25.06 -13.57
N LYS D 160 28.48 23.93 -14.28
CA LYS D 160 29.69 23.36 -14.85
C LYS D 160 29.40 22.77 -16.21
N ILE D 161 30.21 23.12 -17.20
CA ILE D 161 30.07 22.59 -18.56
C ILE D 161 30.85 21.29 -18.67
N LEU D 162 30.17 20.25 -19.14
CA LEU D 162 30.76 18.92 -19.27
C LEU D 162 31.27 18.74 -20.70
N SER D 163 32.56 18.44 -20.83
CA SER D 163 33.16 18.19 -22.14
C SER D 163 34.57 17.60 -21.98
#